data_6P84
#
_entry.id   6P84
#
_cell.length_a   96.584
_cell.length_b   96.584
_cell.length_c   216.361
_cell.angle_alpha   90.000
_cell.angle_beta   90.000
_cell.angle_gamma   120.000
#
_symmetry.space_group_name_H-M   'P 32 2 1'
#
loop_
_entity.id
_entity.type
_entity.pdbx_description
1 polymer 'UDP-3-O-(3-hydroxymyristoyl)glucosamine N-acyltransferase'
2 non-polymer 'MAGNESIUM ION'
3 non-polymer 3-hydroxy-7,7-dimethyl-2-phenyl-4-(thiophen-2-yl)-2,6,7,8-tetrahydro-5H-pyrazolo[3,4-b]quinolin-5-one
4 water water
#
_entity_poly.entity_id   1
_entity_poly.type   'polypeptide(L)'
_entity_poly.pdbx_seq_one_letter_code
;GSGGSIRLADLAQQLDAELHGDGDIVITGVASMQSAQTGHITFMVNPKYREHLGLCQASAVVMTQDDLPFAKSAALVVKN
PYLTYARMAQILDTTPQPAQNIAPSAVIDATAKLGNNVSIGANAVIESGVELGDNVIIGAGCFVGKNSKIGAGSRLWANV
TIYHEIQIGQNCLIQSGTVVGADGFGYANDRGNWVKIPQIGRVIIGDRVEIGACTTIDRGALDDTIIGNGVIIDNQCQIA
HNVVIGDNTAVAGGVIMAGSLKIGRYCMIGGASVINGHMEICDKVTVTGMGMVMRPITEPGVYSSGIPLQPNKVWRKTAA
LVMNIDDMSKRLKSLERKVNQQD
;
_entity_poly.pdbx_strand_id   A,B,C
#
# COMPACT_ATOMS: atom_id res chain seq x y z
N SER A 5 26.34 10.48 -26.19
CA SER A 5 27.66 10.98 -25.84
C SER A 5 27.74 12.50 -26.00
N ILE A 6 28.56 13.13 -25.17
CA ILE A 6 28.70 14.59 -25.18
C ILE A 6 30.12 14.94 -24.78
N ARG A 7 30.65 16.00 -25.36
CA ARG A 7 31.99 16.46 -25.02
C ARG A 7 31.98 17.14 -23.65
N LEU A 8 33.00 16.86 -22.85
CA LEU A 8 33.06 17.45 -21.51
C LEU A 8 32.93 18.97 -21.56
N ALA A 9 33.48 19.60 -22.60
CA ALA A 9 33.37 21.05 -22.71
C ALA A 9 31.92 21.47 -22.92
N ASP A 10 31.20 20.76 -23.78
CA ASP A 10 29.80 21.11 -24.04
C ASP A 10 28.93 20.82 -22.82
N LEU A 11 29.20 19.72 -22.12
CA LEU A 11 28.46 19.41 -20.90
C LEU A 11 28.67 20.48 -19.84
N ALA A 12 29.93 20.89 -19.63
CA ALA A 12 30.20 21.91 -18.63
C ALA A 12 29.47 23.21 -18.97
N GLN A 13 29.37 23.54 -20.26
CA GLN A 13 28.64 24.73 -20.66
C GLN A 13 27.17 24.61 -20.29
N GLN A 14 26.53 23.51 -20.71
CA GLN A 14 25.11 23.31 -20.39
C GLN A 14 24.87 23.29 -18.89
N LEU A 15 25.86 22.86 -18.11
CA LEU A 15 25.74 22.78 -16.66
C LEU A 15 26.19 24.05 -15.95
N ASP A 16 26.60 25.08 -16.70
CA ASP A 16 27.15 26.29 -16.09
C ASP A 16 28.22 25.94 -15.06
N ALA A 17 28.97 24.88 -15.33
CA ALA A 17 30.15 24.51 -14.55
C ALA A 17 31.39 25.00 -15.28
N GLU A 18 32.46 25.17 -14.52
CA GLU A 18 33.74 25.55 -15.10
C GLU A 18 34.67 24.35 -15.12
N LEU A 19 35.23 24.08 -16.30
CA LEU A 19 35.96 22.86 -16.59
C LEU A 19 37.43 22.99 -16.18
N HIS A 20 37.94 21.96 -15.52
CA HIS A 20 39.35 21.84 -15.19
C HIS A 20 39.83 20.51 -15.78
N GLY A 21 40.24 20.54 -17.03
CA GLY A 21 40.74 19.35 -17.70
C GLY A 21 40.42 19.40 -19.18
N ASP A 22 40.64 18.26 -19.84
CA ASP A 22 40.49 18.14 -21.28
C ASP A 22 39.01 18.24 -21.66
N GLY A 23 38.62 19.38 -22.23
CA GLY A 23 37.26 19.59 -22.70
C GLY A 23 36.84 18.67 -23.84
N ASP A 24 37.78 17.96 -24.47
CA ASP A 24 37.44 17.04 -25.55
C ASP A 24 37.09 15.65 -25.04
N ILE A 25 37.20 15.41 -23.74
CA ILE A 25 36.80 14.12 -23.18
C ILE A 25 35.34 13.86 -23.55
N VAL A 26 35.05 12.63 -23.97
CA VAL A 26 33.71 12.24 -24.36
C VAL A 26 33.05 11.59 -23.15
N ILE A 27 31.91 12.13 -22.73
CA ILE A 27 31.13 11.57 -21.63
C ILE A 27 29.94 10.82 -22.21
N THR A 28 29.78 9.56 -21.83
CA THR A 28 28.70 8.73 -22.34
C THR A 28 27.62 8.44 -21.31
N GLY A 29 27.79 8.82 -20.05
CA GLY A 29 26.80 8.51 -19.04
C GLY A 29 27.28 8.87 -17.66
N VAL A 30 26.38 8.71 -16.69
CA VAL A 30 26.64 9.02 -15.29
C VAL A 30 26.75 7.70 -14.52
N ALA A 31 27.57 7.71 -13.49
CA ALA A 31 27.77 6.53 -12.66
C ALA A 31 28.14 7.00 -11.25
N SER A 32 27.99 6.08 -10.29
CA SER A 32 28.45 6.38 -8.94
C SER A 32 29.98 6.46 -8.91
N MET A 33 30.52 7.03 -7.83
CA MET A 33 31.97 7.16 -7.72
C MET A 33 32.64 5.79 -7.74
N GLN A 34 32.06 4.82 -7.03
CA GLN A 34 32.68 3.51 -6.92
C GLN A 34 32.58 2.70 -8.21
N SER A 35 31.55 2.95 -9.03
CA SER A 35 31.36 2.18 -10.26
C SER A 35 31.85 2.89 -11.51
N ALA A 36 32.23 4.16 -11.41
CA ALA A 36 32.54 4.94 -12.60
C ALA A 36 33.72 4.35 -13.36
N GLN A 37 33.59 4.31 -14.67
CA GLN A 37 34.63 3.85 -15.58
C GLN A 37 34.97 4.99 -16.55
N THR A 38 35.84 4.70 -17.51
CA THR A 38 36.15 5.65 -18.56
C THR A 38 34.88 6.02 -19.32
N GLY A 39 34.71 7.31 -19.59
CA GLY A 39 33.53 7.81 -20.24
C GLY A 39 32.44 8.28 -19.29
N HIS A 40 32.48 7.85 -18.03
CA HIS A 40 31.48 8.25 -17.04
C HIS A 40 31.84 9.57 -16.39
N ILE A 41 30.82 10.37 -16.10
CA ILE A 41 30.94 11.50 -15.20
C ILE A 41 30.24 11.12 -13.90
N THR A 42 30.79 11.59 -12.80
CA THR A 42 30.24 11.30 -11.49
C THR A 42 30.29 12.58 -10.67
N PHE A 43 30.04 12.47 -9.37
CA PHE A 43 29.99 13.64 -8.51
C PHE A 43 30.34 13.22 -7.09
N MET A 44 30.62 14.20 -6.24
CA MET A 44 30.82 13.94 -4.84
C MET A 44 30.30 15.12 -4.03
N VAL A 45 29.68 14.82 -2.89
CA VAL A 45 29.09 15.84 -2.03
C VAL A 45 29.77 15.80 -0.67
N ASN A 46 30.14 14.60 -0.22
CA ASN A 46 30.70 14.43 1.11
C ASN A 46 32.22 14.52 1.05
N PRO A 47 32.85 15.32 1.92
CA PRO A 47 34.32 15.48 1.83
C PRO A 47 35.11 14.22 2.13
N LYS A 48 34.49 13.20 2.76
CA LYS A 48 35.24 11.99 3.06
C LYS A 48 35.80 11.32 1.81
N TYR A 49 35.18 11.54 0.66
CA TYR A 49 35.61 10.88 -0.57
C TYR A 49 36.78 11.60 -1.24
N ARG A 50 37.36 12.61 -0.59
CA ARG A 50 38.48 13.33 -1.19
C ARG A 50 39.73 12.46 -1.22
N GLU A 51 40.04 11.77 -0.11
CA GLU A 51 41.34 11.16 0.05
C GLU A 51 41.63 10.11 -1.02
N HIS A 52 40.59 9.50 -1.57
CA HIS A 52 40.74 8.43 -2.55
C HIS A 52 40.02 8.77 -3.85
N LEU A 53 40.11 10.04 -4.28
CA LEU A 53 39.61 10.40 -5.60
C LEU A 53 40.47 9.79 -6.70
N GLY A 54 41.75 9.53 -6.40
CA GLY A 54 42.62 8.86 -7.35
C GLY A 54 42.25 7.43 -7.62
N LEU A 55 41.40 6.84 -6.78
CA LEU A 55 40.87 5.50 -7.03
C LEU A 55 39.62 5.54 -7.90
N CYS A 56 39.00 6.70 -8.06
CA CYS A 56 37.84 6.82 -8.92
C CYS A 56 38.28 6.88 -10.37
N GLN A 57 37.66 6.06 -11.22
CA GLN A 57 38.10 5.94 -12.60
C GLN A 57 37.14 6.62 -13.58
N ALA A 58 36.32 7.55 -13.09
CA ALA A 58 35.47 8.34 -13.98
C ALA A 58 36.33 9.26 -14.86
N SER A 59 35.78 9.59 -16.03
CA SER A 59 36.43 10.58 -16.88
C SER A 59 36.36 11.98 -16.29
N ALA A 60 35.34 12.29 -15.50
CA ALA A 60 35.22 13.59 -14.87
C ALA A 60 34.42 13.48 -13.59
N VAL A 61 34.70 14.38 -12.66
CA VAL A 61 34.03 14.42 -11.35
C VAL A 61 33.49 15.82 -11.13
N VAL A 62 32.19 15.91 -10.85
CA VAL A 62 31.55 17.17 -10.46
C VAL A 62 31.83 17.40 -8.98
N MET A 63 32.37 18.58 -8.65
CA MET A 63 32.79 18.87 -7.28
C MET A 63 32.76 20.37 -7.06
N THR A 64 33.11 20.79 -5.84
CA THR A 64 33.16 22.19 -5.47
C THR A 64 34.60 22.70 -5.58
N GLN A 65 34.81 23.96 -5.19
CA GLN A 65 36.14 24.54 -5.26
C GLN A 65 37.05 23.95 -4.17
N ASP A 66 36.55 23.83 -2.95
CA ASP A 66 37.32 23.21 -1.89
C ASP A 66 37.73 21.78 -2.23
N ASP A 67 37.06 21.15 -3.19
CA ASP A 67 37.42 19.80 -3.61
C ASP A 67 38.52 19.78 -4.66
N LEU A 68 38.66 20.84 -5.45
CA LEU A 68 39.53 20.82 -6.61
C LEU A 68 40.97 20.41 -6.30
N PRO A 69 41.59 20.86 -5.21
CA PRO A 69 42.98 20.44 -4.95
C PRO A 69 43.15 18.93 -4.89
N PHE A 70 42.14 18.19 -4.46
CA PHE A 70 42.22 16.75 -4.33
C PHE A 70 41.89 16.01 -5.62
N ALA A 71 41.49 16.73 -6.67
CA ALA A 71 41.09 16.07 -7.90
C ALA A 71 42.24 15.26 -8.48
N LYS A 72 41.91 14.10 -9.03
CA LYS A 72 42.87 13.26 -9.74
C LYS A 72 42.38 12.98 -11.15
N SER A 73 41.49 13.80 -11.67
CA SER A 73 40.95 13.66 -13.01
C SER A 73 40.35 14.99 -13.42
N ALA A 74 39.86 15.05 -14.65
CA ALA A 74 39.11 16.22 -15.08
C ALA A 74 37.99 16.49 -14.09
N ALA A 75 37.72 17.78 -13.84
CA ALA A 75 36.75 18.16 -12.83
C ALA A 75 35.89 19.29 -13.35
N LEU A 76 34.61 19.24 -13.00
CA LEU A 76 33.68 20.35 -13.23
C LEU A 76 33.38 20.97 -11.88
N VAL A 77 33.80 22.22 -11.70
CA VAL A 77 33.59 22.93 -10.45
C VAL A 77 32.25 23.65 -10.49
N VAL A 78 31.44 23.46 -9.45
CA VAL A 78 30.14 24.09 -9.32
C VAL A 78 29.90 24.40 -7.85
N LYS A 79 28.85 25.19 -7.58
CA LYS A 79 28.49 25.49 -6.21
C LYS A 79 27.69 24.37 -5.54
N ASN A 80 26.90 23.62 -6.32
CA ASN A 80 25.96 22.64 -5.79
C ASN A 80 26.10 21.34 -6.57
N PRO A 81 27.02 20.46 -6.16
CA PRO A 81 27.23 19.23 -6.93
C PRO A 81 25.99 18.37 -7.09
N TYR A 82 25.13 18.32 -6.06
CA TYR A 82 23.97 17.43 -6.13
C TYR A 82 22.97 17.93 -7.17
N LEU A 83 22.74 19.25 -7.23
CA LEU A 83 21.82 19.78 -8.24
C LEU A 83 22.40 19.67 -9.64
N THR A 84 23.71 19.89 -9.77
CA THR A 84 24.37 19.66 -11.06
C THR A 84 24.23 18.21 -11.49
N TYR A 85 24.39 17.27 -10.54
CA TYR A 85 24.18 15.86 -10.83
C TYR A 85 22.79 15.61 -11.40
N ALA A 86 21.77 16.17 -10.73
CA ALA A 86 20.41 16.05 -11.24
C ALA A 86 20.34 16.50 -12.70
N ARG A 87 20.90 17.68 -13.00
CA ARG A 87 20.79 18.22 -14.35
C ARG A 87 21.57 17.38 -15.35
N MET A 88 22.77 16.93 -14.98
CA MET A 88 23.57 16.15 -15.92
C MET A 88 22.98 14.75 -16.13
N ALA A 89 22.33 14.20 -15.11
CA ALA A 89 21.66 12.91 -15.27
C ALA A 89 20.47 13.03 -16.22
N GLN A 90 19.78 14.18 -16.20
CA GLN A 90 18.72 14.40 -17.16
C GLN A 90 19.27 14.47 -18.57
N ILE A 91 20.40 15.18 -18.74
CA ILE A 91 21.04 15.27 -20.06
C ILE A 91 21.42 13.89 -20.56
N LEU A 92 21.94 13.03 -19.67
CA LEU A 92 22.45 11.72 -20.04
C LEU A 92 21.46 10.60 -19.72
N ASP A 93 20.18 10.92 -19.60
CA ASP A 93 19.19 9.95 -19.15
C ASP A 93 19.07 8.81 -20.15
N THR A 94 19.10 7.57 -19.65
CA THR A 94 18.90 6.37 -20.46
C THR A 94 17.50 5.79 -20.31
N THR A 95 16.65 6.42 -19.52
CA THR A 95 15.34 5.88 -19.25
C THR A 95 14.50 5.85 -20.53
N PRO A 96 13.91 4.72 -20.89
CA PRO A 96 13.02 4.68 -22.06
C PRO A 96 11.69 5.36 -21.78
N GLN A 97 10.90 5.52 -22.86
CA GLN A 97 9.55 6.05 -22.76
C GLN A 97 8.55 4.92 -22.51
N PRO A 98 7.45 5.20 -21.79
CA PRO A 98 6.44 4.16 -21.56
C PRO A 98 5.85 3.58 -22.84
N ALA A 99 5.84 4.33 -23.93
CA ALA A 99 5.28 3.87 -25.19
C ALA A 99 5.78 4.76 -26.29
N GLN A 100 5.70 4.27 -27.53
CA GLN A 100 6.07 5.03 -28.72
C GLN A 100 5.00 4.82 -29.79
N ASN A 101 4.39 5.91 -30.23
CA ASN A 101 3.26 5.84 -31.14
C ASN A 101 2.06 5.20 -30.44
N ILE A 102 0.98 4.97 -31.17
CA ILE A 102 -0.23 4.39 -30.59
C ILE A 102 -0.27 2.91 -30.97
N ALA A 103 -0.35 2.06 -29.96
CA ALA A 103 -0.27 0.63 -30.19
C ALA A 103 -1.56 0.12 -30.81
N PRO A 104 -1.49 -0.80 -31.78
CA PRO A 104 -2.71 -1.32 -32.39
C PRO A 104 -3.61 -2.05 -31.39
N SER A 105 -3.06 -2.56 -30.28
CA SER A 105 -3.87 -3.24 -29.28
C SER A 105 -4.51 -2.29 -28.28
N ALA A 106 -4.19 -1.00 -28.32
CA ALA A 106 -4.86 -0.03 -27.47
C ALA A 106 -6.31 0.14 -27.91
N VAL A 107 -7.19 0.38 -26.93
CA VAL A 107 -8.62 0.50 -27.16
C VAL A 107 -9.00 1.93 -26.80
N ILE A 108 -9.29 2.75 -27.80
CA ILE A 108 -9.45 4.18 -27.64
C ILE A 108 -10.84 4.55 -28.15
N ASP A 109 -11.64 5.16 -27.27
CA ASP A 109 -12.97 5.59 -27.66
C ASP A 109 -12.88 6.62 -28.78
N ALA A 110 -13.82 6.53 -29.72
CA ALA A 110 -13.80 7.43 -30.87
C ALA A 110 -14.01 8.88 -30.49
N THR A 111 -14.56 9.17 -29.31
CA THR A 111 -14.73 10.56 -28.88
C THR A 111 -13.55 11.09 -28.07
N ALA A 112 -12.51 10.28 -27.86
CA ALA A 112 -11.31 10.80 -27.22
C ALA A 112 -10.72 11.92 -28.06
N LYS A 113 -10.17 12.93 -27.40
CA LYS A 113 -9.53 14.06 -28.07
C LYS A 113 -8.02 13.98 -27.81
N LEU A 114 -7.26 13.71 -28.87
CA LEU A 114 -5.82 13.50 -28.78
C LEU A 114 -5.08 14.64 -29.46
N GLY A 115 -4.05 15.16 -28.78
CA GLY A 115 -3.17 16.14 -29.37
C GLY A 115 -2.21 15.47 -30.36
N ASN A 116 -1.15 16.20 -30.69
CA ASN A 116 -0.11 15.70 -31.58
C ASN A 116 0.92 14.90 -30.79
N ASN A 117 1.53 13.93 -31.47
CA ASN A 117 2.64 13.15 -30.90
C ASN A 117 2.27 12.52 -29.56
N VAL A 118 1.05 11.99 -29.48
CA VAL A 118 0.60 11.22 -28.32
C VAL A 118 1.02 9.78 -28.52
N SER A 119 1.61 9.18 -27.49
CA SER A 119 1.95 7.76 -27.53
C SER A 119 1.11 7.02 -26.50
N ILE A 120 0.64 5.83 -26.90
CA ILE A 120 -0.24 5.02 -26.06
C ILE A 120 0.19 3.57 -26.21
N GLY A 121 0.52 2.94 -25.08
CA GLY A 121 1.10 1.61 -25.12
C GLY A 121 0.07 0.51 -25.32
N ALA A 122 0.59 -0.68 -25.54
CA ALA A 122 -0.25 -1.83 -25.84
C ALA A 122 -1.28 -2.07 -24.74
N ASN A 123 -2.52 -2.32 -25.16
CA ASN A 123 -3.64 -2.71 -24.31
C ASN A 123 -4.05 -1.63 -23.31
N ALA A 124 -3.61 -0.39 -23.49
CA ALA A 124 -4.20 0.69 -22.72
C ALA A 124 -5.64 0.92 -23.16
N VAL A 125 -6.45 1.47 -22.26
CA VAL A 125 -7.87 1.70 -22.51
C VAL A 125 -8.19 3.17 -22.23
N ILE A 126 -8.69 3.87 -23.25
CA ILE A 126 -9.00 5.29 -23.17
C ILE A 126 -10.50 5.44 -23.35
N GLU A 127 -11.17 6.02 -22.36
CA GLU A 127 -12.62 6.11 -22.34
C GLU A 127 -13.11 7.32 -23.16
N SER A 128 -14.43 7.40 -23.30
CA SER A 128 -15.08 8.50 -24.01
C SER A 128 -14.71 9.85 -23.37
N GLY A 129 -14.55 10.86 -24.25
CA GLY A 129 -14.35 12.23 -23.84
C GLY A 129 -12.98 12.56 -23.29
N VAL A 130 -12.06 11.61 -23.23
CA VAL A 130 -10.74 11.87 -22.66
C VAL A 130 -9.98 12.85 -23.54
N GLU A 131 -9.28 13.78 -22.92
CA GLU A 131 -8.39 14.70 -23.63
C GLU A 131 -6.96 14.42 -23.23
N LEU A 132 -6.11 14.13 -24.22
CA LEU A 132 -4.69 13.93 -24.00
C LEU A 132 -3.95 15.02 -24.75
N GLY A 133 -3.12 15.78 -24.04
CA GLY A 133 -2.41 16.88 -24.64
C GLY A 133 -1.26 16.43 -25.55
N ASP A 134 -0.70 17.39 -26.27
CA ASP A 134 0.46 17.10 -27.12
C ASP A 134 1.54 16.41 -26.29
N ASN A 135 2.16 15.40 -26.89
CA ASN A 135 3.33 14.72 -26.31
C ASN A 135 3.01 13.94 -25.04
N VAL A 136 1.74 13.73 -24.71
CA VAL A 136 1.40 12.83 -23.62
C VAL A 136 1.77 11.40 -24.00
N ILE A 137 2.22 10.64 -23.00
CA ILE A 137 2.55 9.23 -23.17
C ILE A 137 1.76 8.45 -22.15
N ILE A 138 0.97 7.48 -22.62
CA ILE A 138 0.22 6.56 -21.77
C ILE A 138 0.86 5.19 -21.88
N GLY A 139 1.25 4.60 -20.76
CA GLY A 139 1.93 3.32 -20.78
C GLY A 139 1.01 2.15 -21.10
N ALA A 140 1.63 1.00 -21.37
CA ALA A 140 0.88 -0.23 -21.59
C ALA A 140 -0.08 -0.49 -20.43
N GLY A 141 -1.29 -0.94 -20.76
CA GLY A 141 -2.21 -1.45 -19.77
C GLY A 141 -2.89 -0.41 -18.90
N CYS A 142 -2.68 0.88 -19.17
CA CYS A 142 -3.34 1.91 -18.38
C CYS A 142 -4.84 1.96 -18.66
N PHE A 143 -5.58 2.55 -17.73
CA PHE A 143 -6.97 2.92 -17.93
C PHE A 143 -7.10 4.41 -17.67
N VAL A 144 -7.75 5.13 -18.58
CA VAL A 144 -8.09 6.54 -18.36
C VAL A 144 -9.60 6.70 -18.54
N GLY A 145 -10.28 7.09 -17.46
CA GLY A 145 -11.72 7.08 -17.42
C GLY A 145 -12.35 8.31 -18.05
N LYS A 146 -13.67 8.29 -18.10
CA LYS A 146 -14.44 9.19 -18.95
C LYS A 146 -14.16 10.65 -18.64
N ASN A 147 -13.96 11.44 -19.70
CA ASN A 147 -13.82 12.89 -19.69
C ASN A 147 -12.60 13.39 -18.93
N SER A 148 -11.68 12.51 -18.55
CA SER A 148 -10.47 12.97 -17.87
C SER A 148 -9.55 13.69 -18.85
N LYS A 149 -8.77 14.64 -18.34
CA LYS A 149 -7.87 15.46 -19.14
C LYS A 149 -6.45 15.33 -18.63
N ILE A 150 -5.51 15.09 -19.54
CA ILE A 150 -4.10 14.98 -19.19
C ILE A 150 -3.31 15.99 -20.02
N GLY A 151 -2.63 16.91 -19.32
CA GLY A 151 -1.98 18.02 -19.98
C GLY A 151 -0.72 17.62 -20.72
N ALA A 152 -0.30 18.52 -21.61
CA ALA A 152 0.81 18.27 -22.51
C ALA A 152 2.06 17.85 -21.75
N GLY A 153 2.78 16.87 -22.31
CA GLY A 153 4.02 16.40 -21.74
C GLY A 153 3.90 15.44 -20.59
N SER A 154 2.70 15.16 -20.10
CA SER A 154 2.56 14.26 -18.96
C SER A 154 2.67 12.81 -19.41
N ARG A 155 3.19 11.97 -18.52
CA ARG A 155 3.48 10.58 -18.85
C ARG A 155 3.01 9.67 -17.73
N LEU A 156 2.36 8.58 -18.12
CA LEU A 156 1.96 7.51 -17.22
C LEU A 156 2.75 6.26 -17.58
N TRP A 157 3.38 5.63 -16.59
CA TRP A 157 4.00 4.34 -16.84
C TRP A 157 2.93 3.26 -16.98
N ALA A 158 3.35 2.01 -17.13
CA ALA A 158 2.40 0.94 -17.40
C ALA A 158 1.44 0.75 -16.22
N ASN A 159 0.21 0.36 -16.53
CA ASN A 159 -0.75 -0.12 -15.53
C ASN A 159 -1.07 0.95 -14.49
N VAL A 160 -1.27 2.18 -14.97
CA VAL A 160 -1.80 3.27 -14.14
C VAL A 160 -3.30 3.34 -14.36
N THR A 161 -4.07 3.62 -13.29
CA THR A 161 -5.51 3.78 -13.40
C THR A 161 -5.87 5.23 -13.08
N ILE A 162 -6.42 5.93 -14.08
CA ILE A 162 -7.03 7.25 -13.89
C ILE A 162 -8.53 7.07 -14.04
N TYR A 163 -9.28 7.50 -13.03
CA TYR A 163 -10.73 7.42 -13.12
C TYR A 163 -11.30 8.54 -14.01
N HIS A 164 -12.59 8.79 -13.86
CA HIS A 164 -13.31 9.76 -14.67
C HIS A 164 -13.21 11.17 -14.08
N GLU A 165 -13.32 12.17 -14.96
CA GLU A 165 -13.38 13.59 -14.60
C GLU A 165 -12.14 14.04 -13.85
N ILE A 166 -11.02 13.39 -14.10
CA ILE A 166 -9.77 13.76 -13.46
C ILE A 166 -9.05 14.76 -14.34
N GLN A 167 -8.38 15.71 -13.71
CA GLN A 167 -7.57 16.71 -14.41
C GLN A 167 -6.13 16.60 -13.93
N ILE A 168 -5.22 16.43 -14.89
CA ILE A 168 -3.78 16.35 -14.63
C ILE A 168 -3.10 17.40 -15.50
N GLY A 169 -2.19 18.18 -14.90
CA GLY A 169 -1.51 19.24 -15.61
C GLY A 169 -0.42 18.79 -16.58
N GLN A 170 0.52 19.68 -16.88
CA GLN A 170 1.57 19.43 -17.86
C GLN A 170 2.80 18.84 -17.18
N ASN A 171 3.51 17.99 -17.93
CA ASN A 171 4.82 17.49 -17.53
C ASN A 171 4.77 16.76 -16.19
N CYS A 172 3.67 16.07 -15.91
CA CYS A 172 3.60 15.17 -14.78
C CYS A 172 4.16 13.79 -15.13
N LEU A 173 4.40 12.99 -14.09
CA LEU A 173 4.89 11.63 -14.23
C LEU A 173 4.27 10.78 -13.14
N ILE A 174 3.63 9.67 -13.53
CA ILE A 174 2.92 8.81 -12.60
C ILE A 174 3.43 7.39 -12.78
N GLN A 175 3.94 6.80 -11.71
CA GLN A 175 4.53 5.47 -11.80
C GLN A 175 3.43 4.40 -11.75
N SER A 176 3.84 3.17 -12.07
CA SER A 176 2.91 2.06 -12.26
C SER A 176 2.16 1.70 -10.99
N GLY A 177 0.96 1.16 -11.17
CA GLY A 177 0.15 0.65 -10.08
C GLY A 177 -0.64 1.70 -9.34
N THR A 178 -0.44 2.98 -9.66
CA THR A 178 -1.09 4.06 -8.97
C THR A 178 -2.52 4.25 -9.47
N VAL A 179 -3.39 4.70 -8.59
CA VAL A 179 -4.81 4.89 -8.89
C VAL A 179 -5.18 6.31 -8.51
N VAL A 180 -5.67 7.08 -9.48
CA VAL A 180 -6.07 8.46 -9.24
C VAL A 180 -7.57 8.57 -9.50
N GLY A 181 -8.33 8.95 -8.46
CA GLY A 181 -9.74 9.24 -8.63
C GLY A 181 -10.70 8.17 -8.17
N ALA A 182 -10.25 7.19 -7.39
CA ALA A 182 -11.19 6.24 -6.80
C ALA A 182 -12.12 6.96 -5.80
N ASP A 183 -13.26 6.32 -5.52
CA ASP A 183 -14.19 6.89 -4.54
C ASP A 183 -13.51 7.19 -3.22
N GLY A 184 -13.74 8.39 -2.68
CA GLY A 184 -13.42 8.64 -1.29
C GLY A 184 -14.21 7.74 -0.36
N PHE A 185 -13.75 7.63 0.88
CA PHE A 185 -14.32 6.71 1.86
C PHE A 185 -15.49 7.40 2.56
N GLY A 186 -16.54 7.62 1.78
CA GLY A 186 -17.69 8.37 2.26
C GLY A 186 -18.97 7.56 2.40
N TYR A 187 -19.50 7.50 3.62
CA TYR A 187 -20.69 6.71 3.92
C TYR A 187 -21.48 7.40 5.01
N ALA A 188 -22.79 7.44 4.84
CA ALA A 188 -23.70 7.73 5.93
C ALA A 188 -24.02 6.43 6.64
N ASN A 189 -24.72 6.52 7.76
CA ASN A 189 -25.00 5.32 8.54
C ASN A 189 -26.48 5.33 8.91
N ASP A 190 -27.22 4.34 8.41
CA ASP A 190 -28.64 4.19 8.66
C ASP A 190 -28.81 2.99 9.60
N ARG A 191 -28.84 3.27 10.90
CA ARG A 191 -29.05 2.25 11.92
C ARG A 191 -28.08 1.09 11.78
N GLY A 192 -26.79 1.42 11.72
CA GLY A 192 -25.75 0.42 11.64
C GLY A 192 -25.37 -0.01 10.23
N ASN A 193 -26.24 0.24 9.24
CA ASN A 193 -25.93 -0.09 7.85
C ASN A 193 -25.28 1.10 7.17
N TRP A 194 -24.16 0.85 6.49
CA TRP A 194 -23.50 1.92 5.76
C TRP A 194 -24.27 2.23 4.49
N VAL A 195 -24.36 3.53 4.19
CA VAL A 195 -25.09 4.03 3.03
C VAL A 195 -24.10 4.81 2.19
N LYS A 196 -23.84 4.34 0.98
CA LYS A 196 -22.78 4.93 0.17
C LYS A 196 -23.12 6.37 -0.18
N ILE A 197 -22.13 7.25 -0.04
CA ILE A 197 -22.22 8.61 -0.52
C ILE A 197 -21.44 8.67 -1.84
N PRO A 198 -22.13 8.76 -2.99
CA PRO A 198 -21.40 8.88 -4.25
C PRO A 198 -20.41 10.03 -4.16
N GLN A 199 -19.21 9.80 -4.69
CA GLN A 199 -18.11 10.77 -4.61
C GLN A 199 -18.03 11.40 -5.99
N ILE A 200 -18.70 12.54 -6.17
CA ILE A 200 -18.81 13.15 -7.48
C ILE A 200 -17.91 14.37 -7.63
N GLY A 201 -17.09 14.66 -6.63
CA GLY A 201 -15.97 15.55 -6.82
C GLY A 201 -14.92 14.88 -7.68
N ARG A 202 -13.78 15.57 -7.83
CA ARG A 202 -12.74 15.14 -8.76
C ARG A 202 -11.37 15.09 -8.09
N VAL A 203 -10.33 14.85 -8.88
CA VAL A 203 -8.95 15.13 -8.49
C VAL A 203 -8.39 16.13 -9.47
N ILE A 204 -7.79 17.21 -8.96
CA ILE A 204 -7.08 18.18 -9.79
C ILE A 204 -5.60 18.08 -9.44
N ILE A 205 -4.78 17.67 -10.40
CA ILE A 205 -3.33 17.61 -10.23
C ILE A 205 -2.71 18.71 -11.07
N GLY A 206 -1.81 19.47 -10.47
CA GLY A 206 -1.20 20.62 -11.13
C GLY A 206 -0.14 20.19 -12.12
N ASP A 207 0.77 21.12 -12.41
CA ASP A 207 1.87 20.89 -13.34
C ASP A 207 3.09 20.32 -12.60
N ARG A 208 3.87 19.52 -13.32
CA ARG A 208 5.17 19.02 -12.82
C ARG A 208 5.02 18.22 -11.54
N VAL A 209 3.95 17.44 -11.44
CA VAL A 209 3.73 16.59 -10.27
C VAL A 209 4.25 15.19 -10.59
N GLU A 210 4.98 14.60 -9.66
CA GLU A 210 5.47 13.23 -9.79
C GLU A 210 4.84 12.40 -8.68
N ILE A 211 4.24 11.27 -9.05
CA ILE A 211 3.55 10.38 -8.12
C ILE A 211 4.16 9.00 -8.28
N GLY A 212 4.49 8.37 -7.14
CA GLY A 212 5.13 7.08 -7.12
C GLY A 212 4.19 5.93 -7.43
N ALA A 213 4.66 4.72 -7.15
CA ALA A 213 3.98 3.49 -7.52
C ALA A 213 3.06 2.99 -6.42
N CYS A 214 1.90 2.46 -6.83
CA CYS A 214 0.91 1.93 -5.90
C CYS A 214 0.48 2.98 -4.88
N THR A 215 0.39 4.23 -5.32
CA THR A 215 -0.21 5.30 -4.53
C THR A 215 -1.64 5.50 -4.96
N THR A 216 -2.48 5.87 -4.01
CA THR A 216 -3.90 6.08 -4.28
C THR A 216 -4.26 7.50 -3.89
N ILE A 217 -4.99 8.18 -4.77
CA ILE A 217 -5.44 9.56 -4.55
C ILE A 217 -6.92 9.57 -4.87
N ASP A 218 -7.75 9.69 -3.83
CA ASP A 218 -9.19 9.60 -4.02
C ASP A 218 -9.79 10.92 -4.50
N ARG A 219 -10.86 10.80 -5.28
CA ARG A 219 -11.65 11.96 -5.69
C ARG A 219 -12.43 12.54 -4.51
N GLY A 220 -12.78 13.81 -4.62
CA GLY A 220 -13.57 14.46 -3.59
C GLY A 220 -15.03 14.04 -3.58
N ALA A 221 -15.71 14.34 -2.46
CA ALA A 221 -17.12 13.99 -2.35
C ALA A 221 -17.99 14.86 -3.22
N LEU A 222 -17.73 16.17 -3.23
CA LEU A 222 -18.51 17.12 -4.01
C LEU A 222 -17.55 18.10 -4.69
N ASP A 223 -16.73 18.77 -3.88
CA ASP A 223 -15.62 19.53 -4.40
C ASP A 223 -14.40 18.61 -4.51
N ASP A 224 -13.21 19.14 -4.76
CA ASP A 224 -12.14 18.36 -5.34
C ASP A 224 -10.99 18.08 -4.38
N THR A 225 -10.34 16.94 -4.60
CA THR A 225 -9.01 16.69 -4.06
C THR A 225 -8.01 17.41 -4.94
N ILE A 226 -7.07 18.13 -4.34
CA ILE A 226 -6.20 19.03 -5.10
C ILE A 226 -4.74 18.77 -4.77
N ILE A 227 -3.94 18.49 -5.80
CA ILE A 227 -2.48 18.36 -5.67
C ILE A 227 -1.85 19.55 -6.38
N GLY A 228 -1.06 20.34 -5.65
CA GLY A 228 -0.50 21.55 -6.20
C GLY A 228 0.62 21.28 -7.20
N ASN A 229 1.09 22.36 -7.83
CA ASN A 229 2.19 22.26 -8.77
C ASN A 229 3.47 21.84 -8.06
N GLY A 230 4.28 21.05 -8.76
CA GLY A 230 5.62 20.73 -8.27
C GLY A 230 5.66 19.78 -7.10
N VAL A 231 4.51 19.24 -6.70
CA VAL A 231 4.46 18.26 -5.62
C VAL A 231 5.09 16.96 -6.08
N ILE A 232 5.80 16.29 -5.17
CA ILE A 232 6.32 14.95 -5.40
C ILE A 232 5.78 14.04 -4.31
N ILE A 233 5.27 12.90 -4.72
CA ILE A 233 4.65 11.92 -3.84
C ILE A 233 5.30 10.58 -4.14
N ASP A 234 5.71 9.87 -3.09
CA ASP A 234 6.47 8.64 -3.21
C ASP A 234 5.50 7.46 -3.36
N ASN A 235 6.00 6.22 -3.21
CA ASN A 235 5.18 5.02 -3.36
C ASN A 235 4.28 4.80 -2.15
N GLN A 236 3.23 3.99 -2.35
CA GLN A 236 2.40 3.42 -1.28
C GLN A 236 1.71 4.49 -0.43
N CYS A 237 1.50 5.69 -0.95
CA CYS A 237 0.82 6.73 -0.17
C CYS A 237 -0.68 6.68 -0.41
N GLN A 238 -1.44 7.16 0.57
CA GLN A 238 -2.89 7.27 0.47
C GLN A 238 -3.26 8.73 0.70
N ILE A 239 -3.89 9.35 -0.29
CA ILE A 239 -4.34 10.73 -0.19
C ILE A 239 -5.87 10.68 -0.28
N ALA A 240 -6.54 10.94 0.83
CA ALA A 240 -7.98 10.73 0.98
C ALA A 240 -8.76 11.83 0.27
N HIS A 241 -10.07 11.66 0.20
CA HIS A 241 -10.90 12.62 -0.51
C HIS A 241 -10.79 14.00 0.11
N ASN A 242 -10.73 15.01 -0.76
CA ASN A 242 -10.77 16.41 -0.41
C ASN A 242 -9.51 16.87 0.32
N VAL A 243 -8.44 16.09 0.24
CA VAL A 243 -7.14 16.59 0.68
C VAL A 243 -6.68 17.67 -0.28
N VAL A 244 -6.00 18.68 0.24
CA VAL A 244 -5.40 19.73 -0.56
C VAL A 244 -3.93 19.82 -0.17
N ILE A 245 -3.04 19.73 -1.16
CA ILE A 245 -1.61 19.75 -0.92
C ILE A 245 -1.01 20.93 -1.69
N GLY A 246 -0.32 21.81 -0.96
CA GLY A 246 0.24 23.00 -1.56
C GLY A 246 1.45 22.73 -2.43
N ASP A 247 1.75 23.73 -3.28
CA ASP A 247 2.81 23.61 -4.27
C ASP A 247 4.14 23.22 -3.62
N ASN A 248 4.88 22.37 -4.32
CA ASN A 248 6.27 22.02 -4.02
C ASN A 248 6.41 21.18 -2.76
N THR A 249 5.33 20.70 -2.18
CA THR A 249 5.42 19.82 -1.03
C THR A 249 5.88 18.42 -1.46
N ALA A 250 6.63 17.77 -0.57
CA ALA A 250 7.14 16.42 -0.79
C ALA A 250 6.53 15.47 0.24
N VAL A 251 6.08 14.31 -0.23
CA VAL A 251 5.45 13.27 0.60
C VAL A 251 6.20 11.98 0.36
N ALA A 252 6.89 11.48 1.39
CA ALA A 252 7.71 10.28 1.23
C ALA A 252 6.86 9.01 1.30
N GLY A 253 7.53 7.86 1.21
CA GLY A 253 6.80 6.61 0.97
C GLY A 253 5.89 6.20 2.13
N GLY A 254 4.72 5.67 1.78
CA GLY A 254 3.84 5.03 2.75
C GLY A 254 3.10 5.98 3.67
N VAL A 255 3.01 7.25 3.32
CA VAL A 255 2.27 8.21 4.14
C VAL A 255 0.77 8.02 3.92
N ILE A 256 0.00 8.04 5.01
CA ILE A 256 -1.45 7.88 4.97
C ILE A 256 -2.06 9.20 5.43
N MET A 257 -2.88 9.81 4.58
CA MET A 257 -3.57 11.05 4.93
C MET A 257 -5.07 10.85 4.97
N ALA A 258 -5.71 11.44 5.99
CA ALA A 258 -7.14 11.34 6.15
C ALA A 258 -7.85 12.48 5.41
N GLY A 259 -9.17 12.36 5.32
CA GLY A 259 -9.94 13.28 4.50
C GLY A 259 -9.89 14.71 4.97
N SER A 260 -9.93 15.63 3.99
CA SER A 260 -10.06 17.08 4.21
C SER A 260 -8.87 17.67 4.96
N LEU A 261 -7.74 16.99 4.91
CA LEU A 261 -6.49 17.58 5.36
C LEU A 261 -6.03 18.63 4.36
N LYS A 262 -5.47 19.72 4.87
CA LYS A 262 -4.86 20.73 4.01
C LYS A 262 -3.40 20.88 4.42
N ILE A 263 -2.49 20.64 3.48
CA ILE A 263 -1.06 20.78 3.69
C ILE A 263 -0.59 22.00 2.89
N GLY A 264 0.28 22.80 3.50
CA GLY A 264 0.74 24.02 2.87
C GLY A 264 1.80 23.77 1.80
N ARG A 265 2.49 24.84 1.43
CA ARG A 265 3.57 24.80 0.45
C ARG A 265 4.89 24.46 1.13
N TYR A 266 5.80 23.87 0.34
CA TYR A 266 7.17 23.60 0.78
C TYR A 266 7.22 22.76 2.05
N CYS A 267 6.25 21.88 2.26
CA CYS A 267 6.29 20.95 3.36
C CYS A 267 7.05 19.68 2.97
N MET A 268 7.51 18.95 4.00
CA MET A 268 8.22 17.68 3.83
C MET A 268 7.59 16.69 4.79
N ILE A 269 6.89 15.69 4.28
CA ILE A 269 6.19 14.71 5.10
C ILE A 269 6.95 13.40 5.04
N GLY A 270 7.53 13.01 6.17
CA GLY A 270 8.44 11.88 6.21
C GLY A 270 7.72 10.54 6.07
N GLY A 271 8.49 9.56 5.62
CA GLY A 271 7.96 8.24 5.32
C GLY A 271 7.15 7.62 6.44
N ALA A 272 6.03 7.01 6.09
CA ALA A 272 5.20 6.23 6.99
C ALA A 272 4.51 7.10 8.05
N SER A 273 4.46 8.41 7.85
CA SER A 273 3.70 9.27 8.74
C SER A 273 2.19 9.05 8.52
N VAL A 274 1.42 9.44 9.54
CA VAL A 274 -0.02 9.30 9.52
C VAL A 274 -0.58 10.66 9.87
N ILE A 275 -1.30 11.29 8.94
CA ILE A 275 -1.78 12.66 9.12
C ILE A 275 -3.30 12.63 9.18
N ASN A 276 -3.84 13.03 10.32
CA ASN A 276 -5.28 13.02 10.46
C ASN A 276 -5.89 14.20 9.69
N GLY A 277 -7.22 14.16 9.54
CA GLY A 277 -7.92 15.02 8.63
C GLY A 277 -8.60 16.19 9.29
N HIS A 278 -9.37 16.93 8.48
CA HIS A 278 -10.13 18.11 8.94
C HIS A 278 -9.26 19.06 9.75
N MET A 279 -8.04 19.26 9.27
CA MET A 279 -7.08 20.12 9.93
C MET A 279 -6.10 20.60 8.88
N GLU A 280 -5.28 21.57 9.28
CA GLU A 280 -4.37 22.22 8.37
C GLU A 280 -2.95 22.16 8.90
N ILE A 281 -2.01 22.01 7.97
CA ILE A 281 -0.59 22.12 8.23
C ILE A 281 -0.09 23.33 7.46
N CYS A 282 0.59 24.25 8.13
CA CYS A 282 1.04 25.49 7.51
C CYS A 282 2.24 25.25 6.58
N ASP A 283 2.66 26.30 5.89
CA ASP A 283 3.81 26.20 4.98
C ASP A 283 5.07 25.82 5.75
N LYS A 284 5.98 25.13 5.06
CA LYS A 284 7.35 24.95 5.52
C LYS A 284 7.42 24.14 6.82
N VAL A 285 6.59 23.11 6.90
CA VAL A 285 6.60 22.15 7.99
C VAL A 285 7.28 20.87 7.52
N THR A 286 8.15 20.33 8.36
CA THR A 286 8.74 19.02 8.16
C THR A 286 8.24 18.10 9.26
N VAL A 287 7.62 17.00 8.87
CA VAL A 287 7.25 15.91 9.77
C VAL A 287 8.22 14.77 9.51
N THR A 288 8.95 14.34 10.54
CA THR A 288 9.91 13.27 10.31
C THR A 288 9.20 11.91 10.29
N GLY A 289 9.90 10.92 9.74
CA GLY A 289 9.30 9.62 9.49
C GLY A 289 8.46 9.04 10.62
N MET A 290 7.33 8.45 10.26
CA MET A 290 6.40 7.79 11.18
C MET A 290 5.70 8.78 12.11
N GLY A 291 5.67 10.05 11.75
CA GLY A 291 5.00 11.03 12.59
C GLY A 291 3.52 10.73 12.74
N MET A 292 3.01 10.86 13.96
CA MET A 292 1.60 10.69 14.27
C MET A 292 1.02 12.08 14.44
N VAL A 293 0.39 12.60 13.39
CA VAL A 293 -0.06 13.99 13.36
C VAL A 293 -1.54 14.01 13.73
N MET A 294 -1.84 14.46 14.95
CA MET A 294 -3.20 14.52 15.44
C MET A 294 -3.77 15.93 15.51
N ARG A 295 -2.93 16.94 15.50
CA ARG A 295 -3.36 18.32 15.70
C ARG A 295 -2.88 19.19 14.55
N PRO A 296 -3.58 20.29 14.28
CA PRO A 296 -3.08 21.26 13.31
C PRO A 296 -1.66 21.68 13.64
N ILE A 297 -0.90 22.05 12.62
CA ILE A 297 0.45 22.57 12.77
C ILE A 297 0.43 24.00 12.25
N THR A 298 0.66 24.97 13.14
CA THR A 298 0.51 26.38 12.80
C THR A 298 1.82 27.13 12.68
N GLU A 299 2.95 26.51 13.04
CA GLU A 299 4.23 27.17 12.93
C GLU A 299 5.18 26.32 12.08
N PRO A 300 5.98 26.94 11.22
CA PRO A 300 6.96 26.17 10.45
C PRO A 300 8.01 25.59 11.36
N GLY A 301 8.67 24.53 10.88
CA GLY A 301 9.70 23.87 11.62
C GLY A 301 9.56 22.37 11.51
N VAL A 302 10.39 21.66 12.27
CA VAL A 302 10.50 20.21 12.21
C VAL A 302 9.75 19.61 13.40
N TYR A 303 8.95 18.58 13.15
CA TYR A 303 8.14 17.93 14.17
C TYR A 303 8.34 16.42 14.10
N SER A 304 8.23 15.75 15.24
CA SER A 304 8.54 14.32 15.31
C SER A 304 7.66 13.65 16.35
N SER A 305 7.53 12.33 16.23
CA SER A 305 6.85 11.54 17.26
C SER A 305 7.46 10.15 17.27
N GLY A 306 7.11 9.40 18.31
CA GLY A 306 7.44 7.99 18.40
C GLY A 306 8.54 7.70 19.41
N ILE A 307 8.42 6.56 20.08
CA ILE A 307 9.46 6.08 20.97
C ILE A 307 10.30 5.06 20.19
N PRO A 308 11.58 5.32 19.96
CA PRO A 308 12.36 4.48 19.03
C PRO A 308 12.68 3.09 19.56
N LEU A 309 13.25 2.29 18.65
CA LEU A 309 13.58 0.90 18.90
C LEU A 309 14.49 0.73 20.11
N GLN A 310 14.29 -0.37 20.83
CA GLN A 310 15.19 -0.81 21.89
C GLN A 310 15.34 -2.31 21.77
N PRO A 311 16.40 -2.89 22.36
CA PRO A 311 16.44 -4.34 22.50
C PRO A 311 15.17 -4.84 23.18
N ASN A 312 14.68 -5.99 22.74
CA ASN A 312 13.37 -6.45 23.19
C ASN A 312 13.30 -6.50 24.72
N LYS A 313 14.34 -7.01 25.38
CA LYS A 313 14.31 -7.09 26.84
C LYS A 313 14.05 -5.72 27.47
N VAL A 314 14.72 -4.70 26.94
CA VAL A 314 14.56 -3.33 27.42
C VAL A 314 13.17 -2.80 27.06
N TRP A 315 12.73 -3.05 25.82
CA TRP A 315 11.43 -2.53 25.40
C TRP A 315 10.31 -3.03 26.30
N ARG A 316 10.35 -4.31 26.70
CA ARG A 316 9.30 -4.84 27.58
C ARG A 316 9.13 -3.99 28.82
N LYS A 317 10.23 -3.61 29.45
CA LYS A 317 10.18 -2.78 30.65
C LYS A 317 9.73 -1.35 30.32
N THR A 318 10.29 -0.76 29.26
CA THR A 318 9.87 0.58 28.85
C THR A 318 8.37 0.65 28.63
N ALA A 319 7.84 -0.30 27.87
CA ALA A 319 6.42 -0.23 27.51
C ALA A 319 5.53 -0.48 28.73
N ALA A 320 5.91 -1.41 29.60
CA ALA A 320 5.11 -1.66 30.78
C ALA A 320 5.11 -0.44 31.70
N LEU A 321 6.27 0.21 31.87
CA LEU A 321 6.32 1.41 32.70
C LEU A 321 5.49 2.54 32.08
N VAL A 322 5.64 2.75 30.77
CA VAL A 322 4.87 3.80 30.12
C VAL A 322 3.38 3.55 30.25
N MET A 323 2.96 2.30 30.08
CA MET A 323 1.53 2.03 30.18
C MET A 323 0.99 2.29 31.58
N ASN A 324 1.85 2.25 32.60
CA ASN A 324 1.47 2.55 33.98
C ASN A 324 1.95 3.94 34.41
N ILE A 325 2.18 4.86 33.46
CA ILE A 325 2.73 6.15 33.82
C ILE A 325 1.75 6.99 34.64
N ASP A 326 0.45 6.72 34.53
CA ASP A 326 -0.51 7.44 35.38
C ASP A 326 -0.25 7.12 36.86
N ASP A 327 -0.02 5.84 37.17
CA ASP A 327 0.31 5.47 38.54
C ASP A 327 1.62 6.12 38.99
N MET A 328 2.60 6.21 38.09
CA MET A 328 3.82 6.93 38.42
C MET A 328 3.54 8.39 38.73
N SER A 329 2.71 9.03 37.90
CA SER A 329 2.35 10.42 38.13
C SER A 329 1.65 10.61 39.47
N LYS A 330 0.70 9.72 39.78
CA LYS A 330 -0.01 9.79 41.05
C LYS A 330 0.94 9.65 42.23
N ARG A 331 1.90 8.73 42.12
CA ARG A 331 2.86 8.53 43.20
C ARG A 331 3.74 9.76 43.39
N LEU A 332 4.12 10.42 42.29
CA LEU A 332 4.93 11.63 42.40
C LEU A 332 4.15 12.74 43.08
N LYS A 333 2.88 12.94 42.67
CA LYS A 333 2.05 13.96 43.29
C LYS A 333 1.87 13.69 44.78
N SER A 334 1.62 12.42 45.13
CA SER A 334 1.48 12.09 46.54
C SER A 334 2.76 12.39 47.31
N LEU A 335 3.91 12.05 46.72
CA LEU A 335 5.19 12.30 47.39
C LEU A 335 5.44 13.80 47.55
N GLU A 336 5.10 14.59 46.54
CA GLU A 336 5.20 16.05 46.69
C GLU A 336 4.30 16.54 47.83
N ARG A 337 3.07 16.04 47.88
CA ARG A 337 2.13 16.43 48.92
C ARG A 337 2.71 16.14 50.30
N LYS A 338 3.38 15.00 50.45
CA LYS A 338 3.89 14.58 51.74
C LYS A 338 5.13 15.39 52.16
N VAL A 339 6.00 15.67 51.21
CA VAL A 339 7.22 16.42 51.51
C VAL A 339 6.90 17.88 51.78
N GLY B 4 -31.19 12.29 -15.95
CA GLY B 4 -30.65 12.67 -14.65
C GLY B 4 -31.52 13.74 -13.98
N SER B 5 -31.96 14.72 -14.76
CA SER B 5 -32.75 15.82 -14.21
C SER B 5 -34.05 15.31 -13.60
N ILE B 6 -34.49 15.97 -12.53
CA ILE B 6 -35.68 15.57 -11.81
C ILE B 6 -36.36 16.83 -11.27
N ARG B 7 -37.69 16.86 -11.33
CA ARG B 7 -38.42 17.96 -10.75
C ARG B 7 -38.27 17.94 -9.24
N LEU B 8 -38.19 19.13 -8.64
CA LEU B 8 -37.98 19.20 -7.20
C LEU B 8 -39.07 18.46 -6.44
N ALA B 9 -40.33 18.61 -6.85
CA ALA B 9 -41.42 17.94 -6.17
C ALA B 9 -41.24 16.42 -6.20
N ASP B 10 -40.76 15.90 -7.33
CA ASP B 10 -40.54 14.46 -7.42
C ASP B 10 -39.36 14.03 -6.55
N LEU B 11 -38.27 14.79 -6.57
CA LEU B 11 -37.14 14.48 -5.70
C LEU B 11 -37.57 14.48 -4.24
N ALA B 12 -38.33 15.50 -3.82
CA ALA B 12 -38.78 15.59 -2.44
C ALA B 12 -39.57 14.35 -2.03
N GLN B 13 -40.43 13.87 -2.92
CA GLN B 13 -41.22 12.69 -2.62
C GLN B 13 -40.34 11.45 -2.46
N GLN B 14 -39.35 11.28 -3.33
CA GLN B 14 -38.46 10.13 -3.22
C GLN B 14 -37.60 10.19 -1.96
N LEU B 15 -37.41 11.38 -1.39
CA LEU B 15 -36.62 11.56 -0.17
C LEU B 15 -37.46 11.60 1.09
N ASP B 16 -38.79 11.49 0.96
CA ASP B 16 -39.69 11.67 2.09
C ASP B 16 -39.42 13.01 2.78
N ALA B 17 -39.17 14.05 1.97
CA ALA B 17 -38.93 15.39 2.48
C ALA B 17 -40.18 16.26 2.29
N GLU B 18 -40.28 17.29 3.11
CA GLU B 18 -41.35 18.27 3.00
C GLU B 18 -40.89 19.44 2.14
N LEU B 19 -41.57 19.65 1.02
CA LEU B 19 -41.18 20.71 0.09
C LEU B 19 -41.74 22.06 0.52
N HIS B 20 -40.87 23.05 0.61
CA HIS B 20 -41.24 24.45 0.76
C HIS B 20 -40.60 25.19 -0.42
N GLY B 21 -41.43 25.59 -1.39
CA GLY B 21 -40.95 26.25 -2.58
C GLY B 21 -41.53 25.62 -3.83
N ASP B 22 -40.96 25.99 -4.97
CA ASP B 22 -41.52 25.67 -6.28
C ASP B 22 -41.18 24.23 -6.66
N GLY B 23 -42.19 23.35 -6.60
CA GLY B 23 -41.97 21.96 -6.99
C GLY B 23 -41.60 21.76 -8.44
N ASP B 24 -41.82 22.78 -9.28
CA ASP B 24 -41.50 22.63 -10.70
C ASP B 24 -40.04 22.89 -11.00
N ILE B 25 -39.26 23.36 -10.03
CA ILE B 25 -37.83 23.53 -10.23
C ILE B 25 -37.21 22.23 -10.73
N VAL B 26 -36.31 22.34 -11.71
CA VAL B 26 -35.62 21.19 -12.28
C VAL B 26 -34.26 21.09 -11.64
N ILE B 27 -34.00 19.99 -10.94
CA ILE B 27 -32.71 19.74 -10.30
C ILE B 27 -31.88 18.87 -11.22
N THR B 28 -30.65 19.29 -11.49
CA THR B 28 -29.78 18.55 -12.39
C THR B 28 -28.65 17.81 -11.69
N GLY B 29 -28.33 18.15 -10.44
CA GLY B 29 -27.25 17.49 -9.74
C GLY B 29 -27.11 18.03 -8.33
N VAL B 30 -26.14 17.46 -7.62
CA VAL B 30 -25.82 17.82 -6.24
C VAL B 30 -24.51 18.60 -6.24
N ALA B 31 -24.43 19.60 -5.36
CA ALA B 31 -23.20 20.38 -5.21
C ALA B 31 -23.01 20.78 -3.77
N SER B 32 -21.79 21.17 -3.43
CA SER B 32 -21.53 21.79 -2.14
C SER B 32 -22.25 23.13 -2.05
N MET B 33 -22.46 23.59 -0.81
CA MET B 33 -23.06 24.91 -0.63
C MET B 33 -22.24 25.98 -1.34
N GLN B 34 -20.91 25.91 -1.21
CA GLN B 34 -20.03 26.91 -1.82
C GLN B 34 -20.05 26.85 -3.34
N SER B 35 -20.21 25.67 -3.93
CA SER B 35 -20.15 25.54 -5.37
C SER B 35 -21.51 25.56 -6.06
N ALA B 36 -22.60 25.44 -5.30
CA ALA B 36 -23.91 25.19 -5.92
C ALA B 36 -24.35 26.39 -6.76
N GLN B 37 -24.89 26.09 -7.95
CA GLN B 37 -25.47 27.10 -8.82
C GLN B 37 -26.88 26.70 -9.25
N THR B 38 -27.48 27.46 -10.16
CA THR B 38 -28.84 27.14 -10.59
C THR B 38 -28.91 25.69 -11.08
N GLY B 39 -29.97 24.99 -10.70
CA GLY B 39 -30.13 23.59 -11.04
C GLY B 39 -29.59 22.63 -10.01
N HIS B 40 -28.72 23.08 -9.11
CA HIS B 40 -28.15 22.22 -8.09
C HIS B 40 -29.01 22.18 -6.85
N ILE B 41 -29.03 21.03 -6.20
CA ILE B 41 -29.53 20.90 -4.84
C ILE B 41 -28.34 20.69 -3.93
N THR B 42 -28.39 21.29 -2.74
CA THR B 42 -27.34 21.11 -1.75
C THR B 42 -28.01 20.86 -0.40
N PHE B 43 -27.23 20.88 0.68
CA PHE B 43 -27.74 20.54 2.00
C PHE B 43 -26.95 21.33 3.03
N MET B 44 -27.59 21.54 4.19
CA MET B 44 -26.94 22.21 5.31
C MET B 44 -27.08 21.32 6.54
N VAL B 45 -25.95 20.85 7.06
CA VAL B 45 -25.92 20.10 8.32
C VAL B 45 -25.53 20.97 9.50
N ASN B 46 -24.86 22.11 9.26
CA ASN B 46 -24.33 22.95 10.32
C ASN B 46 -25.14 24.25 10.40
N PRO B 47 -25.91 24.48 11.47
CA PRO B 47 -26.75 25.68 11.54
C PRO B 47 -25.98 26.99 11.59
N LYS B 48 -24.68 26.97 11.86
CA LYS B 48 -23.90 28.20 11.75
C LYS B 48 -23.94 28.79 10.35
N TYR B 49 -24.37 28.05 9.35
CA TYR B 49 -24.42 28.61 7.99
C TYR B 49 -25.77 29.23 7.65
N ARG B 50 -26.70 29.32 8.60
CA ARG B 50 -27.99 29.95 8.30
C ARG B 50 -27.79 31.37 7.77
N GLU B 51 -26.92 32.13 8.42
CA GLU B 51 -26.66 33.51 8.00
C GLU B 51 -25.98 33.58 6.64
N HIS B 52 -25.45 32.45 6.16
CA HIS B 52 -24.71 32.34 4.91
C HIS B 52 -25.57 31.85 3.75
N LEU B 53 -26.82 31.46 4.01
CA LEU B 53 -27.63 30.84 2.95
C LEU B 53 -27.89 31.80 1.80
N GLY B 54 -27.90 33.11 2.05
CA GLY B 54 -28.07 34.07 0.97
C GLY B 54 -26.88 34.14 0.03
N LEU B 55 -25.75 33.56 0.41
CA LEU B 55 -24.62 33.48 -0.49
C LEU B 55 -24.61 32.19 -1.30
N CYS B 56 -25.48 31.24 -0.96
CA CYS B 56 -25.56 29.98 -1.68
C CYS B 56 -26.55 30.13 -2.82
N GLN B 57 -26.11 29.79 -4.03
CA GLN B 57 -26.96 29.96 -5.20
C GLN B 57 -27.54 28.64 -5.71
N ALA B 58 -27.63 27.64 -4.85
CA ALA B 58 -28.36 26.42 -5.20
C ALA B 58 -29.83 26.72 -5.46
N SER B 59 -30.45 25.88 -6.30
CA SER B 59 -31.88 26.01 -6.51
C SER B 59 -32.71 25.45 -5.35
N ALA B 60 -32.12 24.60 -4.51
CA ALA B 60 -32.84 24.05 -3.36
C ALA B 60 -31.82 23.61 -2.33
N VAL B 61 -32.21 23.67 -1.07
CA VAL B 61 -31.35 23.30 0.05
C VAL B 61 -32.09 22.35 0.97
N VAL B 62 -31.46 21.22 1.27
CA VAL B 62 -31.98 20.28 2.27
C VAL B 62 -31.59 20.75 3.66
N MET B 63 -32.55 20.85 4.56
CA MET B 63 -32.31 21.40 5.89
C MET B 63 -33.34 20.83 6.85
N THR B 64 -33.25 21.23 8.13
CA THR B 64 -34.20 20.81 9.14
C THR B 64 -35.33 21.84 9.30
N GLN B 65 -36.36 21.43 10.03
CA GLN B 65 -37.46 22.34 10.33
C GLN B 65 -36.96 23.59 11.04
N ASP B 66 -35.98 23.44 11.93
CA ASP B 66 -35.44 24.57 12.67
C ASP B 66 -34.73 25.55 11.76
N ASP B 67 -34.18 25.06 10.66
CA ASP B 67 -33.49 25.91 9.69
C ASP B 67 -34.45 26.68 8.80
N LEU B 68 -35.65 26.14 8.58
CA LEU B 68 -36.52 26.67 7.52
C LEU B 68 -36.71 28.19 7.57
N PRO B 69 -36.89 28.82 8.73
CA PRO B 69 -37.05 30.29 8.74
C PRO B 69 -35.89 31.04 8.12
N PHE B 70 -34.72 30.41 8.04
CA PHE B 70 -33.51 31.02 7.51
C PHE B 70 -33.33 30.81 6.02
N ALA B 71 -34.24 30.09 5.37
CA ALA B 71 -34.04 29.73 3.98
C ALA B 71 -34.09 30.96 3.08
N LYS B 72 -33.27 30.94 2.04
CA LYS B 72 -33.31 31.90 0.94
C LYS B 72 -33.37 31.16 -0.39
N SER B 73 -34.21 30.13 -0.45
CA SER B 73 -34.33 29.24 -1.60
C SER B 73 -35.47 28.28 -1.30
N ALA B 74 -35.89 27.54 -2.33
CA ALA B 74 -36.69 26.35 -2.09
C ALA B 74 -35.97 25.48 -1.06
N ALA B 75 -36.74 24.89 -0.15
CA ALA B 75 -36.16 24.05 0.90
C ALA B 75 -36.85 22.69 0.95
N LEU B 76 -36.06 21.64 1.18
CA LEU B 76 -36.59 20.33 1.53
C LEU B 76 -36.32 20.11 3.02
N VAL B 77 -37.38 20.01 3.80
CA VAL B 77 -37.24 19.82 5.24
C VAL B 77 -37.26 18.33 5.54
N VAL B 78 -36.25 17.86 6.28
CA VAL B 78 -36.09 16.47 6.66
C VAL B 78 -35.58 16.39 8.09
N LYS B 79 -35.65 15.19 8.66
CA LYS B 79 -35.10 14.95 9.99
C LYS B 79 -33.59 14.79 9.95
N ASN B 80 -33.04 14.23 8.87
CA ASN B 80 -31.63 13.85 8.79
C ASN B 80 -31.07 14.38 7.48
N PRO B 81 -30.60 15.64 7.46
CA PRO B 81 -30.03 16.18 6.22
C PRO B 81 -28.88 15.36 5.67
N TYR B 82 -28.04 14.77 6.54
CA TYR B 82 -26.89 14.04 6.05
C TYR B 82 -27.31 12.76 5.34
N LEU B 83 -28.26 12.02 5.92
CA LEU B 83 -28.73 10.79 5.28
C LEU B 83 -29.52 11.11 4.01
N THR B 84 -30.28 12.20 4.04
CA THR B 84 -31.00 12.63 2.85
C THR B 84 -30.03 13.00 1.74
N TYR B 85 -28.93 13.66 2.08
CA TYR B 85 -27.90 13.98 1.10
C TYR B 85 -27.37 12.71 0.46
N ALA B 86 -27.05 11.69 1.26
CA ALA B 86 -26.56 10.44 0.70
C ALA B 86 -27.58 9.86 -0.29
N ARG B 87 -28.86 9.88 0.07
CA ARG B 87 -29.88 9.32 -0.80
CA ARG B 87 -29.89 9.32 -0.79
C ARG B 87 -30.05 10.13 -2.08
N MET B 88 -30.05 11.46 -1.96
CA MET B 88 -30.23 12.28 -3.16
C MET B 88 -28.99 12.25 -4.03
N ALA B 89 -27.81 12.14 -3.42
CA ALA B 89 -26.59 11.94 -4.22
C ALA B 89 -26.64 10.62 -4.97
N GLN B 90 -27.29 9.60 -4.42
CA GLN B 90 -27.45 8.37 -5.18
C GLN B 90 -28.43 8.56 -6.33
N ILE B 91 -29.54 9.26 -6.08
CA ILE B 91 -30.53 9.48 -7.13
C ILE B 91 -29.93 10.27 -8.29
N LEU B 92 -29.11 11.27 -7.97
CA LEU B 92 -28.51 12.16 -8.96
C LEU B 92 -27.06 11.79 -9.29
N ASP B 93 -26.67 10.55 -9.03
CA ASP B 93 -25.27 10.15 -9.20
C ASP B 93 -24.80 10.31 -10.64
N THR B 94 -23.65 10.96 -10.82
CA THR B 94 -23.04 11.12 -12.14
C THR B 94 -21.91 10.13 -12.39
N THR B 95 -21.60 9.29 -11.42
CA THR B 95 -20.56 8.27 -11.57
C THR B 95 -20.88 7.36 -12.75
N PRO B 96 -19.99 7.22 -13.71
CA PRO B 96 -20.25 6.28 -14.82
C PRO B 96 -20.10 4.84 -14.33
N GLN B 97 -20.57 3.93 -15.17
CA GLN B 97 -20.32 2.52 -14.91
C GLN B 97 -18.93 2.13 -15.37
N PRO B 98 -18.31 1.12 -14.75
CA PRO B 98 -16.99 0.68 -15.21
C PRO B 98 -16.98 0.17 -16.64
N ALA B 99 -18.12 -0.32 -17.14
CA ALA B 99 -18.20 -0.83 -18.50
C ALA B 99 -19.66 -0.96 -18.91
N GLN B 100 -19.87 -1.07 -20.22
CA GLN B 100 -21.19 -1.32 -20.78
C GLN B 100 -21.06 -2.36 -21.89
N ASN B 101 -21.90 -3.40 -21.84
CA ASN B 101 -21.84 -4.49 -22.80
C ASN B 101 -20.54 -5.28 -22.64
N ILE B 102 -20.28 -6.19 -23.57
CA ILE B 102 -19.08 -7.05 -23.53
C ILE B 102 -18.11 -6.54 -24.59
N ALA B 103 -16.94 -6.09 -24.15
CA ALA B 103 -16.00 -5.47 -25.08
C ALA B 103 -15.35 -6.52 -25.98
N PRO B 104 -15.17 -6.21 -27.27
CA PRO B 104 -14.52 -7.17 -28.17
C PRO B 104 -13.10 -7.53 -27.75
N SER B 105 -12.40 -6.62 -27.06
CA SER B 105 -11.01 -6.87 -26.65
C SER B 105 -10.91 -7.67 -25.35
N ALA B 106 -12.01 -7.88 -24.65
CA ALA B 106 -11.99 -8.76 -23.49
C ALA B 106 -11.72 -10.19 -23.94
N VAL B 107 -11.03 -10.94 -23.10
CA VAL B 107 -10.70 -12.34 -23.37
C VAL B 107 -11.44 -13.17 -22.32
N ILE B 108 -12.43 -13.94 -22.77
CA ILE B 108 -13.36 -14.63 -21.90
C ILE B 108 -13.36 -16.11 -22.25
N ASP B 109 -13.04 -16.95 -21.29
CA ASP B 109 -12.99 -18.39 -21.50
C ASP B 109 -14.37 -18.91 -21.89
N ALA B 110 -14.39 -19.84 -22.86
CA ALA B 110 -15.64 -20.42 -23.34
C ALA B 110 -16.45 -21.07 -22.23
N THR B 111 -15.82 -21.49 -21.13
CA THR B 111 -16.55 -22.15 -20.05
C THR B 111 -17.08 -21.16 -19.01
N ALA B 112 -16.84 -19.85 -19.18
CA ALA B 112 -17.41 -18.89 -18.25
C ALA B 112 -18.92 -18.82 -18.42
N LYS B 113 -19.61 -18.54 -17.32
CA LYS B 113 -21.06 -18.45 -17.33
C LYS B 113 -21.45 -17.02 -16.95
N LEU B 114 -22.19 -16.36 -17.83
CA LEU B 114 -22.61 -14.99 -17.59
C LEU B 114 -24.11 -14.95 -17.36
N GLY B 115 -24.53 -14.14 -16.40
CA GLY B 115 -25.93 -13.86 -16.20
C GLY B 115 -26.42 -12.83 -17.21
N ASN B 116 -27.64 -12.34 -16.96
CA ASN B 116 -28.24 -11.33 -17.81
C ASN B 116 -27.63 -9.95 -17.56
N ASN B 117 -27.46 -9.18 -18.64
CA ASN B 117 -27.05 -7.79 -18.55
C ASN B 117 -25.70 -7.64 -17.83
N VAL B 118 -24.76 -8.50 -18.18
CA VAL B 118 -23.40 -8.38 -17.69
C VAL B 118 -22.62 -7.46 -18.62
N SER B 119 -21.74 -6.64 -18.05
CA SER B 119 -20.85 -5.78 -18.82
C SER B 119 -19.41 -6.11 -18.47
N ILE B 120 -18.55 -6.14 -19.48
CA ILE B 120 -17.16 -6.53 -19.30
C ILE B 120 -16.28 -5.57 -20.12
N GLY B 121 -15.36 -4.89 -19.45
CA GLY B 121 -14.62 -3.81 -20.06
C GLY B 121 -13.50 -4.28 -20.97
N ALA B 122 -12.94 -3.31 -21.69
CA ALA B 122 -11.89 -3.60 -22.66
C ALA B 122 -10.71 -4.30 -21.98
N ASN B 123 -10.21 -5.33 -22.65
CA ASN B 123 -9.00 -6.04 -22.25
C ASN B 123 -9.09 -6.72 -20.89
N ALA B 124 -10.29 -6.83 -20.32
CA ALA B 124 -10.47 -7.66 -19.14
C ALA B 124 -10.24 -9.12 -19.53
N VAL B 125 -9.85 -9.94 -18.54
CA VAL B 125 -9.54 -11.35 -18.76
C VAL B 125 -10.33 -12.19 -17.78
N ILE B 126 -11.14 -13.11 -18.29
CA ILE B 126 -12.01 -13.96 -17.49
C ILE B 126 -11.60 -15.42 -17.71
N GLU B 127 -11.22 -16.09 -16.64
CA GLU B 127 -10.71 -17.46 -16.72
C GLU B 127 -11.83 -18.46 -16.85
N SER B 128 -11.44 -19.71 -17.07
CA SER B 128 -12.38 -20.82 -17.14
C SER B 128 -13.18 -20.94 -15.84
N GLY B 129 -14.42 -21.40 -15.98
CA GLY B 129 -15.25 -21.71 -14.83
C GLY B 129 -15.78 -20.53 -14.05
N VAL B 130 -15.48 -19.30 -14.46
CA VAL B 130 -15.96 -18.13 -13.74
C VAL B 130 -17.46 -18.01 -13.92
N GLU B 131 -18.15 -17.56 -12.87
CA GLU B 131 -19.59 -17.32 -12.92
C GLU B 131 -19.83 -15.88 -12.57
N LEU B 132 -20.46 -15.14 -13.47
CA LEU B 132 -20.81 -13.75 -13.25
C LEU B 132 -22.33 -13.64 -13.21
N GLY B 133 -22.86 -13.09 -12.12
CA GLY B 133 -24.29 -12.97 -11.94
C GLY B 133 -24.90 -11.84 -12.75
N ASP B 134 -26.23 -11.78 -12.71
CA ASP B 134 -26.96 -10.73 -13.41
C ASP B 134 -26.43 -9.35 -13.01
N ASN B 135 -26.33 -8.46 -13.99
CA ASN B 135 -25.97 -7.06 -13.80
C ASN B 135 -24.57 -6.88 -13.23
N VAL B 136 -23.72 -7.91 -13.25
CA VAL B 136 -22.33 -7.73 -12.83
C VAL B 136 -21.60 -6.91 -13.86
N ILE B 137 -20.76 -5.99 -13.39
CA ILE B 137 -19.91 -5.17 -14.26
C ILE B 137 -18.46 -5.43 -13.90
N ILE B 138 -17.66 -5.82 -14.89
CA ILE B 138 -16.22 -6.02 -14.75
C ILE B 138 -15.53 -4.90 -15.51
N GLY B 139 -14.71 -4.12 -14.82
CA GLY B 139 -14.04 -3.01 -15.45
C GLY B 139 -12.96 -3.44 -16.43
N ALA B 140 -12.43 -2.45 -17.16
CA ALA B 140 -11.35 -2.70 -18.11
C ALA B 140 -10.11 -3.23 -17.41
N GLY B 141 -9.38 -4.11 -18.09
CA GLY B 141 -8.11 -4.60 -17.60
C GLY B 141 -8.17 -5.47 -16.35
N CYS B 142 -9.36 -5.86 -15.91
CA CYS B 142 -9.46 -6.74 -14.75
C CYS B 142 -9.01 -8.17 -15.11
N PHE B 143 -8.67 -8.92 -14.08
CA PHE B 143 -8.46 -10.36 -14.18
C PHE B 143 -9.36 -11.05 -13.17
N VAL B 144 -10.10 -12.08 -13.60
CA VAL B 144 -10.91 -12.90 -12.71
C VAL B 144 -10.46 -14.34 -12.91
N GLY B 145 -9.87 -14.93 -11.86
CA GLY B 145 -9.23 -16.24 -11.96
C GLY B 145 -10.21 -17.41 -11.95
N LYS B 146 -9.64 -18.60 -12.15
CA LYS B 146 -10.43 -19.78 -12.44
C LYS B 146 -11.47 -20.07 -11.36
N ASN B 147 -12.70 -20.38 -11.80
CA ASN B 147 -13.79 -20.86 -10.96
C ASN B 147 -14.30 -19.82 -9.98
N SER B 148 -13.86 -18.57 -10.08
CA SER B 148 -14.37 -17.56 -9.16
C SER B 148 -15.81 -17.18 -9.53
N LYS B 149 -16.55 -16.73 -8.51
CA LYS B 149 -17.98 -16.43 -8.66
C LYS B 149 -18.24 -15.05 -8.11
N ILE B 150 -18.90 -14.22 -8.90
CA ILE B 150 -19.21 -12.84 -8.52
C ILE B 150 -20.72 -12.68 -8.57
N GLY B 151 -21.31 -12.27 -7.44
CA GLY B 151 -22.75 -12.25 -7.31
C GLY B 151 -23.40 -11.08 -8.03
N ALA B 152 -24.72 -11.20 -8.20
CA ALA B 152 -25.47 -10.25 -9.00
C ALA B 152 -25.29 -8.82 -8.51
N GLY B 153 -25.18 -7.89 -9.47
CA GLY B 153 -25.06 -6.48 -9.17
C GLY B 153 -23.70 -6.02 -8.69
N SER B 154 -22.76 -6.93 -8.43
CA SER B 154 -21.44 -6.50 -8.01
C SER B 154 -20.65 -5.88 -9.17
N ARG B 155 -19.78 -4.94 -8.83
CA ARG B 155 -19.04 -4.20 -9.83
C ARG B 155 -17.58 -4.08 -9.43
N LEU B 156 -16.70 -4.30 -10.41
CA LEU B 156 -15.27 -4.08 -10.27
C LEU B 156 -14.87 -2.92 -11.16
N TRP B 157 -14.13 -1.95 -10.60
CA TRP B 157 -13.57 -0.89 -11.42
C TRP B 157 -12.40 -1.45 -12.22
N ALA B 158 -11.70 -0.58 -12.93
CA ALA B 158 -10.63 -1.04 -13.82
C ALA B 158 -9.48 -1.65 -13.03
N ASN B 159 -8.79 -2.60 -13.65
CA ASN B 159 -7.52 -3.09 -13.12
C ASN B 159 -7.64 -3.65 -11.69
N VAL B 160 -8.73 -4.37 -11.43
CA VAL B 160 -8.89 -5.19 -10.22
C VAL B 160 -8.46 -6.61 -10.53
N THR B 161 -7.77 -7.26 -9.59
CA THR B 161 -7.35 -8.65 -9.76
C THR B 161 -8.09 -9.54 -8.76
N ILE B 162 -8.86 -10.48 -9.28
CA ILE B 162 -9.48 -11.54 -8.50
C ILE B 162 -8.80 -12.85 -8.88
N TYR B 163 -8.24 -13.54 -7.90
CA TYR B 163 -7.60 -14.82 -8.17
C TYR B 163 -8.64 -15.93 -8.36
N HIS B 164 -8.20 -17.18 -8.28
CA HIS B 164 -9.04 -18.35 -8.50
C HIS B 164 -9.83 -18.72 -7.25
N GLU B 165 -10.98 -19.39 -7.46
CA GLU B 165 -11.80 -19.96 -6.38
C GLU B 165 -12.26 -18.92 -5.38
N ILE B 166 -12.44 -17.68 -5.83
CA ILE B 166 -12.91 -16.60 -4.96
C ILE B 166 -14.43 -16.50 -5.08
N GLN B 167 -15.10 -16.21 -3.98
CA GLN B 167 -16.56 -16.02 -3.99
C GLN B 167 -16.85 -14.59 -3.52
N ILE B 168 -17.59 -13.84 -4.34
CA ILE B 168 -18.00 -12.48 -4.01
C ILE B 168 -19.52 -12.42 -4.09
N GLY B 169 -20.13 -11.73 -3.13
CA GLY B 169 -21.57 -11.70 -3.01
C GLY B 169 -22.22 -10.72 -3.97
N GLN B 170 -23.43 -10.29 -3.59
CA GLN B 170 -24.22 -9.39 -4.42
C GLN B 170 -23.97 -7.94 -4.04
N ASN B 171 -24.08 -7.06 -5.05
CA ASN B 171 -24.04 -5.61 -4.85
C ASN B 171 -22.79 -5.15 -4.12
N CYS B 172 -21.67 -5.81 -4.40
CA CYS B 172 -20.38 -5.35 -3.91
C CYS B 172 -19.79 -4.33 -4.89
N LEU B 173 -18.75 -3.63 -4.44
CA LEU B 173 -18.05 -2.65 -5.27
C LEU B 173 -16.58 -2.69 -4.89
N ILE B 174 -15.69 -2.91 -5.86
CA ILE B 174 -14.27 -3.00 -5.59
C ILE B 174 -13.55 -1.99 -6.46
N GLN B 175 -12.74 -1.14 -5.83
CA GLN B 175 -12.04 -0.09 -6.57
C GLN B 175 -10.75 -0.64 -7.18
N SER B 176 -10.19 0.16 -8.10
CA SER B 176 -9.06 -0.26 -8.92
C SER B 176 -7.82 -0.59 -8.10
N GLY B 177 -6.99 -1.48 -8.65
CA GLY B 177 -5.70 -1.81 -8.07
C GLY B 177 -5.76 -2.81 -6.95
N THR B 178 -6.96 -3.19 -6.51
CA THR B 178 -7.11 -4.12 -5.42
C THR B 178 -6.88 -5.55 -5.89
N VAL B 179 -6.39 -6.39 -5.00
CA VAL B 179 -6.03 -7.77 -5.29
C VAL B 179 -6.71 -8.68 -4.27
N VAL B 180 -7.61 -9.55 -4.73
CA VAL B 180 -8.36 -10.43 -3.85
C VAL B 180 -7.94 -11.86 -4.12
N GLY B 181 -7.36 -12.50 -3.11
CA GLY B 181 -7.05 -13.91 -3.17
C GLY B 181 -5.62 -14.26 -3.50
N ALA B 182 -4.66 -13.34 -3.34
CA ALA B 182 -3.27 -13.71 -3.48
C ALA B 182 -2.86 -14.69 -2.37
N ASP B 183 -1.74 -15.36 -2.58
CA ASP B 183 -1.22 -16.29 -1.57
C ASP B 183 -1.03 -15.57 -0.24
N GLY B 184 -1.54 -16.18 0.83
CA GLY B 184 -1.12 -15.78 2.16
C GLY B 184 0.37 -16.00 2.36
N PHE B 185 0.91 -15.37 3.40
CA PHE B 185 2.36 -15.37 3.66
C PHE B 185 2.74 -16.62 4.44
N GLY B 186 2.62 -17.77 3.76
CA GLY B 186 2.80 -19.05 4.43
C GLY B 186 4.03 -19.83 4.02
N TYR B 187 4.93 -20.09 4.99
CA TYR B 187 6.18 -20.79 4.71
C TYR B 187 6.57 -21.65 5.90
N ALA B 188 7.00 -22.87 5.60
CA ALA B 188 7.70 -23.68 6.59
C ALA B 188 9.19 -23.37 6.46
N ASN B 189 10.01 -23.95 7.33
CA ASN B 189 11.43 -23.64 7.35
C ASN B 189 12.20 -24.94 7.48
N ASP B 190 13.06 -25.21 6.49
CA ASP B 190 13.86 -26.43 6.43
C ASP B 190 15.32 -25.98 6.54
N ARG B 191 15.86 -26.00 7.75
CA ARG B 191 17.28 -25.66 7.98
C ARG B 191 17.59 -24.25 7.49
N GLY B 192 16.69 -23.31 7.74
CA GLY B 192 16.89 -21.93 7.34
C GLY B 192 16.39 -21.55 5.97
N ASN B 193 15.89 -22.52 5.20
CA ASN B 193 15.33 -22.27 3.87
C ASN B 193 13.81 -22.21 3.96
N TRP B 194 13.24 -21.14 3.42
CA TRP B 194 11.78 -21.03 3.39
C TRP B 194 11.21 -22.04 2.40
N VAL B 195 10.20 -22.78 2.84
CA VAL B 195 9.53 -23.79 2.04
C VAL B 195 8.08 -23.33 1.86
N LYS B 196 7.71 -23.03 0.62
CA LYS B 196 6.39 -22.45 0.39
C LYS B 196 5.29 -23.42 0.83
N ILE B 197 4.31 -22.89 1.55
CA ILE B 197 3.08 -23.63 1.85
C ILE B 197 2.02 -23.17 0.85
N PRO B 198 1.64 -24.00 -0.12
CA PRO B 198 0.55 -23.61 -1.02
C PRO B 198 -0.66 -23.17 -0.20
N GLN B 199 -1.31 -22.12 -0.69
CA GLN B 199 -2.40 -21.46 0.02
C GLN B 199 -3.66 -21.82 -0.73
N ILE B 200 -4.29 -22.93 -0.30
CA ILE B 200 -5.35 -23.53 -1.07
C ILE B 200 -6.72 -23.27 -0.46
N GLY B 201 -6.80 -22.48 0.60
CA GLY B 201 -8.05 -21.88 1.01
C GLY B 201 -8.45 -20.78 0.03
N ARG B 202 -9.51 -20.06 0.40
CA ARG B 202 -10.10 -19.10 -0.52
C ARG B 202 -10.32 -17.75 0.15
N VAL B 203 -10.98 -16.82 -0.57
CA VAL B 203 -11.59 -15.64 0.04
C VAL B 203 -13.09 -15.70 -0.23
N ILE B 204 -13.88 -15.53 0.82
CA ILE B 204 -15.34 -15.42 0.71
C ILE B 204 -15.73 -14.01 1.12
N ILE B 205 -16.31 -13.25 0.19
CA ILE B 205 -16.78 -11.90 0.46
C ILE B 205 -18.31 -11.92 0.38
N GLY B 206 -18.95 -11.31 1.38
CA GLY B 206 -20.40 -11.34 1.46
C GLY B 206 -21.07 -10.34 0.54
N ASP B 207 -22.28 -9.96 0.90
CA ASP B 207 -23.07 -9.02 0.12
C ASP B 207 -22.82 -7.58 0.56
N ARG B 208 -22.94 -6.65 -0.38
CA ARG B 208 -22.87 -5.22 -0.09
C ARG B 208 -21.56 -4.84 0.58
N VAL B 209 -20.45 -5.43 0.11
CA VAL B 209 -19.12 -5.10 0.59
C VAL B 209 -18.50 -4.08 -0.37
N GLU B 210 -17.89 -3.04 0.17
CA GLU B 210 -17.14 -2.07 -0.63
C GLU B 210 -15.68 -2.10 -0.20
N ILE B 211 -14.79 -2.21 -1.17
CA ILE B 211 -13.36 -2.31 -0.93
C ILE B 211 -12.65 -1.25 -1.75
N GLY B 212 -11.78 -0.49 -1.09
CA GLY B 212 -11.11 0.62 -1.73
C GLY B 212 -10.01 0.20 -2.68
N ALA B 213 -9.14 1.14 -3.03
CA ALA B 213 -8.13 0.96 -4.06
C ALA B 213 -6.82 0.47 -3.46
N CYS B 214 -6.13 -0.39 -4.22
CA CYS B 214 -4.84 -0.94 -3.81
C CYS B 214 -4.92 -1.59 -2.43
N THR B 215 -6.03 -2.27 -2.16
CA THR B 215 -6.14 -3.11 -0.98
C THR B 215 -5.88 -4.55 -1.37
N THR B 216 -5.28 -5.30 -0.45
CA THR B 216 -4.98 -6.70 -0.71
C THR B 216 -5.66 -7.57 0.36
N ILE B 217 -6.30 -8.64 -0.09
CA ILE B 217 -7.01 -9.58 0.77
C ILE B 217 -6.54 -10.97 0.38
N ASP B 218 -5.73 -11.60 1.21
CA ASP B 218 -5.12 -12.87 0.83
C ASP B 218 -6.07 -14.03 1.08
N ARG B 219 -5.91 -15.08 0.27
CA ARG B 219 -6.63 -16.33 0.45
C ARG B 219 -6.10 -17.08 1.66
N GLY B 220 -6.92 -17.98 2.19
CA GLY B 220 -6.52 -18.77 3.35
C GLY B 220 -5.56 -19.90 2.98
N ALA B 221 -4.85 -20.38 4.01
CA ALA B 221 -3.93 -21.49 3.82
C ALA B 221 -4.65 -22.78 3.47
N LEU B 222 -5.74 -23.07 4.17
CA LEU B 222 -6.50 -24.30 3.98
C LEU B 222 -7.98 -23.96 4.00
N ASP B 223 -8.42 -23.33 5.08
CA ASP B 223 -9.75 -22.78 5.18
C ASP B 223 -9.68 -21.32 4.72
N ASP B 224 -10.74 -20.55 4.94
CA ASP B 224 -10.97 -19.35 4.14
C ASP B 224 -10.79 -18.05 4.91
N THR B 225 -10.32 -17.05 4.18
CA THR B 225 -10.46 -15.65 4.56
C THR B 225 -11.90 -15.22 4.29
N ILE B 226 -12.55 -14.60 5.28
CA ILE B 226 -13.99 -14.33 5.20
C ILE B 226 -14.24 -12.86 5.51
N ILE B 227 -14.94 -12.18 4.61
CA ILE B 227 -15.40 -10.81 4.82
C ILE B 227 -16.93 -10.84 4.88
N GLY B 228 -17.49 -10.37 5.99
CA GLY B 228 -18.92 -10.43 6.17
C GLY B 228 -19.68 -9.40 5.34
N ASN B 229 -21.00 -9.46 5.47
CA ASN B 229 -21.87 -8.58 4.69
C ASN B 229 -21.79 -7.14 5.19
N GLY B 230 -21.96 -6.21 4.26
CA GLY B 230 -22.04 -4.81 4.61
C GLY B 230 -20.76 -4.21 5.16
N VAL B 231 -19.63 -4.87 4.95
CA VAL B 231 -18.33 -4.38 5.39
C VAL B 231 -17.83 -3.32 4.43
N ILE B 232 -17.20 -2.27 4.94
CA ILE B 232 -16.55 -1.26 4.12
C ILE B 232 -15.08 -1.20 4.49
N ILE B 233 -14.22 -1.29 3.47
CA ILE B 233 -12.77 -1.28 3.61
C ILE B 233 -12.20 -0.22 2.69
N ASP B 234 -11.32 0.62 3.24
CA ASP B 234 -10.76 1.77 2.54
C ASP B 234 -9.57 1.32 1.68
N ASN B 235 -8.79 2.29 1.19
CA ASN B 235 -7.61 2.04 0.35
C ASN B 235 -6.43 1.52 1.16
N GLN B 236 -5.51 0.85 0.47
CA GLN B 236 -4.18 0.52 1.00
C GLN B 236 -4.26 -0.39 2.23
N CYS B 237 -5.34 -1.14 2.37
CA CYS B 237 -5.47 -2.06 3.49
C CYS B 237 -4.87 -3.43 3.14
N GLN B 238 -4.41 -4.13 4.17
CA GLN B 238 -3.87 -5.46 4.02
C GLN B 238 -4.62 -6.41 4.95
N ILE B 239 -5.28 -7.40 4.37
CA ILE B 239 -6.03 -8.40 5.11
C ILE B 239 -5.34 -9.74 4.85
N ALA B 240 -4.71 -10.29 5.88
CA ALA B 240 -3.88 -11.48 5.74
C ALA B 240 -4.73 -12.75 5.60
N HIS B 241 -4.06 -13.86 5.29
CA HIS B 241 -4.78 -15.12 5.13
C HIS B 241 -5.50 -15.48 6.43
N ASN B 242 -6.73 -15.99 6.26
CA ASN B 242 -7.55 -16.53 7.34
C ASN B 242 -8.03 -15.48 8.32
N VAL B 243 -7.98 -14.21 7.94
CA VAL B 243 -8.69 -13.18 8.69
C VAL B 243 -10.19 -13.35 8.47
N VAL B 244 -10.98 -13.07 9.50
CA VAL B 244 -12.44 -13.08 9.42
C VAL B 244 -12.93 -11.75 9.93
N ILE B 245 -13.77 -11.07 9.14
CA ILE B 245 -14.30 -9.76 9.51
C ILE B 245 -15.81 -9.83 9.56
N GLY B 246 -16.38 -9.39 10.69
CA GLY B 246 -17.81 -9.51 10.89
C GLY B 246 -18.62 -8.44 10.18
N ASP B 247 -19.92 -8.72 10.04
CA ASP B 247 -20.82 -7.86 9.28
C ASP B 247 -20.74 -6.41 9.75
N ASN B 248 -20.82 -5.49 8.79
CA ASN B 248 -20.99 -4.06 8.99
C ASN B 248 -19.78 -3.40 9.62
N THR B 249 -18.66 -4.10 9.73
CA THR B 249 -17.45 -3.47 10.24
C THR B 249 -16.85 -2.54 9.19
N ALA B 250 -16.28 -1.43 9.66
CA ALA B 250 -15.59 -0.48 8.79
C ALA B 250 -14.10 -0.48 9.10
N VAL B 251 -13.28 -0.45 8.04
CA VAL B 251 -11.83 -0.45 8.14
C VAL B 251 -11.31 0.72 7.31
N ALA B 252 -10.70 1.70 7.97
CA ALA B 252 -10.26 2.90 7.27
C ALA B 252 -8.92 2.65 6.56
N GLY B 253 -8.37 3.68 5.93
CA GLY B 253 -7.26 3.49 5.00
C GLY B 253 -5.98 3.04 5.68
N GLY B 254 -5.24 2.16 4.99
CA GLY B 254 -3.90 1.82 5.42
C GLY B 254 -3.80 0.88 6.61
N VAL B 255 -4.89 0.21 6.97
CA VAL B 255 -4.88 -0.71 8.09
C VAL B 255 -4.23 -2.02 7.67
N ILE B 256 -3.38 -2.58 8.54
CA ILE B 256 -2.74 -3.86 8.29
C ILE B 256 -3.24 -4.85 9.33
N MET B 257 -3.71 -6.01 8.86
CA MET B 257 -4.20 -7.07 9.72
C MET B 257 -3.42 -8.34 9.46
N ALA B 258 -2.85 -8.91 10.53
CA ALA B 258 -2.04 -10.10 10.41
C ALA B 258 -2.93 -11.35 10.39
N GLY B 259 -2.30 -12.49 10.07
CA GLY B 259 -3.06 -13.70 9.79
C GLY B 259 -3.86 -14.20 10.99
N SER B 260 -5.03 -14.77 10.68
CA SER B 260 -5.89 -15.44 11.65
C SER B 260 -6.45 -14.48 12.69
N LEU B 261 -6.50 -13.19 12.38
CA LEU B 261 -7.28 -12.26 13.19
C LEU B 261 -8.77 -12.48 12.94
N LYS B 262 -9.56 -12.39 14.01
CA LYS B 262 -11.02 -12.34 13.89
C LYS B 262 -11.50 -11.02 14.46
N ILE B 263 -12.20 -10.25 13.65
CA ILE B 263 -12.84 -9.00 14.06
C ILE B 263 -14.35 -9.20 14.03
N GLY B 264 -15.04 -8.74 15.06
CA GLY B 264 -16.46 -8.92 15.17
C GLY B 264 -17.27 -7.96 14.31
N ARG B 265 -18.57 -7.87 14.61
CA ARG B 265 -19.50 -7.03 13.88
C ARG B 265 -19.47 -5.60 14.40
N TYR B 266 -19.81 -4.67 13.53
CA TYR B 266 -20.02 -3.27 13.91
C TYR B 266 -18.77 -2.66 14.52
N CYS B 267 -17.60 -3.14 14.14
CA CYS B 267 -16.36 -2.54 14.60
C CYS B 267 -15.96 -1.38 13.70
N MET B 268 -15.12 -0.49 14.22
CA MET B 268 -14.61 0.65 13.47
C MET B 268 -13.11 0.69 13.71
N ILE B 269 -12.33 0.42 12.66
CA ILE B 269 -10.89 0.34 12.77
C ILE B 269 -10.30 1.56 12.08
N GLY B 270 -9.63 2.41 12.87
CA GLY B 270 -9.15 3.68 12.37
C GLY B 270 -7.91 3.56 11.49
N GLY B 271 -7.70 4.60 10.69
CA GLY B 271 -6.68 4.52 9.65
C GLY B 271 -5.30 4.23 10.22
N ALA B 272 -4.52 3.46 9.44
CA ALA B 272 -3.12 3.17 9.72
C ALA B 272 -2.93 2.34 10.98
N SER B 273 -4.01 1.75 11.53
CA SER B 273 -3.87 0.81 12.63
C SER B 273 -3.15 -0.46 12.16
N VAL B 274 -2.53 -1.13 13.13
CA VAL B 274 -1.83 -2.38 12.94
C VAL B 274 -2.43 -3.39 13.91
N ILE B 275 -3.02 -4.46 13.39
CA ILE B 275 -3.73 -5.44 14.22
C ILE B 275 -3.04 -6.78 14.08
N ASN B 276 -2.48 -7.27 15.18
CA ASN B 276 -1.79 -8.54 15.12
C ASN B 276 -2.81 -9.70 15.07
N GLY B 277 -2.31 -10.89 14.77
CA GLY B 277 -3.14 -12.02 14.42
C GLY B 277 -3.30 -13.04 15.53
N HIS B 278 -3.91 -14.17 15.15
CA HIS B 278 -4.20 -15.25 16.09
C HIS B 278 -4.82 -14.72 17.38
N MET B 279 -5.78 -13.81 17.22
CA MET B 279 -6.50 -13.23 18.35
C MET B 279 -7.84 -12.72 17.85
N GLU B 280 -8.70 -12.33 18.79
CA GLU B 280 -10.05 -11.91 18.45
C GLU B 280 -10.36 -10.52 19.00
N ILE B 281 -11.11 -9.75 18.22
CA ILE B 281 -11.69 -8.48 18.65
C ILE B 281 -13.20 -8.66 18.65
N CYS B 282 -13.84 -8.37 19.78
CA CYS B 282 -15.27 -8.61 19.91
C CYS B 282 -16.06 -7.57 19.12
N ASP B 283 -17.39 -7.74 19.11
CA ASP B 283 -18.26 -6.79 18.43
C ASP B 283 -18.13 -5.39 19.02
N LYS B 284 -18.43 -4.38 18.18
CA LYS B 284 -18.63 -2.99 18.61
C LYS B 284 -17.38 -2.42 19.29
N VAL B 285 -16.22 -2.68 18.70
CA VAL B 285 -14.96 -2.13 19.16
C VAL B 285 -14.53 -1.04 18.18
N THR B 286 -14.08 0.07 18.70
CA THR B 286 -13.44 1.13 17.93
C THR B 286 -11.97 1.18 18.30
N VAL B 287 -11.10 1.04 17.30
CA VAL B 287 -9.68 1.27 17.44
C VAL B 287 -9.38 2.59 16.74
N THR B 288 -8.89 3.56 17.51
CA THR B 288 -8.60 4.85 16.89
C THR B 288 -7.34 4.75 16.01
N GLY B 289 -7.15 5.76 15.16
CA GLY B 289 -6.10 5.72 14.15
C GLY B 289 -4.71 5.38 14.65
N MET B 290 -3.98 4.59 13.86
CA MET B 290 -2.61 4.17 14.17
C MET B 290 -2.55 3.27 15.40
N GLY B 291 -3.66 2.68 15.83
CA GLY B 291 -3.64 1.84 17.01
C GLY B 291 -2.76 0.62 16.81
N MET B 292 -1.97 0.29 17.84
CA MET B 292 -1.08 -0.87 17.84
C MET B 292 -1.73 -1.95 18.70
N VAL B 293 -2.42 -2.89 18.06
CA VAL B 293 -3.22 -3.90 18.76
C VAL B 293 -2.37 -5.15 18.90
N MET B 294 -1.93 -5.43 20.13
CA MET B 294 -1.11 -6.60 20.44
C MET B 294 -1.85 -7.70 21.20
N ARG B 295 -3.01 -7.41 21.76
CA ARG B 295 -3.75 -8.37 22.58
C ARG B 295 -5.20 -8.40 22.17
N PRO B 296 -5.91 -9.50 22.46
CA PRO B 296 -7.33 -9.58 22.14
C PRO B 296 -8.12 -8.46 22.83
N ILE B 297 -9.24 -8.10 22.22
CA ILE B 297 -10.17 -7.13 22.81
C ILE B 297 -11.47 -7.87 23.08
N THR B 298 -11.85 -7.96 24.36
CA THR B 298 -12.98 -8.78 24.78
C THR B 298 -14.17 -7.97 25.25
N GLU B 299 -14.06 -6.65 25.34
CA GLU B 299 -15.17 -5.80 25.72
C GLU B 299 -15.35 -4.70 24.70
N PRO B 300 -16.59 -4.35 24.37
CA PRO B 300 -16.84 -3.25 23.44
C PRO B 300 -16.35 -1.92 24.00
N GLY B 301 -16.10 -0.98 23.09
CA GLY B 301 -15.70 0.36 23.46
C GLY B 301 -14.58 0.84 22.59
N VAL B 302 -13.94 1.91 23.05
CA VAL B 302 -12.94 2.66 22.27
C VAL B 302 -11.56 2.42 22.86
N TYR B 303 -10.60 2.11 22.01
CA TYR B 303 -9.23 1.81 22.43
C TYR B 303 -8.27 2.57 21.54
N SER B 304 -7.11 2.94 22.12
CA SER B 304 -6.21 3.89 21.48
C SER B 304 -4.77 3.59 21.85
N SER B 305 -3.85 4.00 20.97
CA SER B 305 -2.44 3.99 21.32
C SER B 305 -1.71 5.11 20.57
N GLY B 306 -0.48 5.35 20.97
CA GLY B 306 0.44 6.21 20.25
C GLY B 306 0.72 7.51 21.00
N ILE B 307 1.96 7.99 20.87
CA ILE B 307 2.38 9.26 21.45
C ILE B 307 2.41 10.29 20.33
N PRO B 308 1.58 11.34 20.37
CA PRO B 308 1.48 12.27 19.24
C PRO B 308 2.69 13.16 19.03
N LEU B 309 2.60 13.95 17.96
CA LEU B 309 3.67 14.82 17.48
C LEU B 309 4.04 15.90 18.49
N GLN B 310 5.31 16.26 18.51
CA GLN B 310 5.84 17.42 19.22
C GLN B 310 6.92 18.08 18.38
N PRO B 311 7.22 19.35 18.64
CA PRO B 311 8.38 19.97 17.99
C PRO B 311 9.60 19.08 18.18
N ASN B 312 10.45 19.01 17.15
CA ASN B 312 11.51 17.99 17.15
C ASN B 312 12.41 18.11 18.37
N LYS B 313 12.76 19.33 18.77
CA LYS B 313 13.65 19.50 19.92
C LYS B 313 12.97 19.00 21.19
N VAL B 314 11.66 19.19 21.30
CA VAL B 314 10.92 18.66 22.43
C VAL B 314 10.83 17.14 22.33
N TRP B 315 10.51 16.62 21.15
CA TRP B 315 10.42 15.17 20.98
C TRP B 315 11.73 14.49 21.37
N ARG B 316 12.87 15.07 20.99
CA ARG B 316 14.15 14.46 21.32
C ARG B 316 14.28 14.23 22.82
N LYS B 317 13.87 15.22 23.62
CA LYS B 317 13.95 15.07 25.07
C LYS B 317 12.93 14.06 25.58
N THR B 318 11.70 14.12 25.07
CA THR B 318 10.67 13.15 25.42
C THR B 318 11.14 11.72 25.16
N ALA B 319 11.66 11.47 23.96
CA ALA B 319 12.11 10.13 23.61
C ALA B 319 13.23 9.67 24.53
N ALA B 320 14.21 10.54 24.78
CA ALA B 320 15.31 10.19 25.68
C ALA B 320 14.79 9.81 27.07
N LEU B 321 13.91 10.63 27.63
CA LEU B 321 13.40 10.35 28.96
C LEU B 321 12.61 9.04 28.99
N VAL B 322 11.74 8.82 28.01
CA VAL B 322 10.95 7.59 27.98
C VAL B 322 11.86 6.38 27.86
N MET B 323 12.85 6.43 26.97
CA MET B 323 13.72 5.28 26.80
C MET B 323 14.46 4.94 28.08
N ASN B 324 14.65 5.93 28.97
CA ASN B 324 15.30 5.73 30.25
C ASN B 324 14.30 5.72 31.40
N ILE B 325 13.04 5.40 31.12
CA ILE B 325 12.00 5.48 32.14
C ILE B 325 12.23 4.50 33.28
N ASP B 326 12.96 3.40 33.05
CA ASP B 326 13.21 2.45 34.13
C ASP B 326 14.01 3.10 35.25
N ASP B 327 14.96 3.96 34.87
CA ASP B 327 15.72 4.69 35.88
C ASP B 327 14.84 5.70 36.63
N MET B 328 13.94 6.37 35.92
CA MET B 328 12.99 7.23 36.60
C MET B 328 12.16 6.44 37.60
N SER B 329 11.72 5.24 37.23
CA SER B 329 10.93 4.41 38.12
C SER B 329 11.75 4.00 39.35
N LYS B 330 13.02 3.64 39.16
CA LYS B 330 13.84 3.23 40.30
C LYS B 330 14.08 4.41 41.24
N ARG B 331 14.27 5.61 40.69
CA ARG B 331 14.45 6.78 41.52
C ARG B 331 13.18 7.13 42.30
N LEU B 332 12.02 6.97 41.67
CA LEU B 332 10.77 7.22 42.39
C LEU B 332 10.60 6.27 43.55
N LYS B 333 10.87 4.98 43.34
CA LYS B 333 10.74 3.99 44.42
C LYS B 333 11.72 4.27 45.55
N SER B 334 12.93 4.71 45.22
CA SER B 334 13.92 5.02 46.26
CA SER B 334 13.92 5.02 46.25
C SER B 334 13.51 6.24 47.07
N LEU B 335 12.96 7.25 46.41
CA LEU B 335 12.50 8.43 47.11
C LEU B 335 11.32 8.09 48.01
N GLU B 336 10.43 7.20 47.56
CA GLU B 336 9.33 6.75 48.39
C GLU B 336 9.83 6.10 49.68
N ARG B 337 10.85 5.24 49.59
CA ARG B 337 11.36 4.60 50.80
C ARG B 337 11.91 5.64 51.78
N LYS B 338 12.59 6.66 51.27
CA LYS B 338 13.09 7.73 52.13
C LYS B 338 11.95 8.47 52.81
N VAL B 339 10.93 8.85 52.04
CA VAL B 339 9.80 9.57 52.61
C VAL B 339 9.04 8.70 53.60
N ASN B 340 9.05 7.38 53.39
CA ASN B 340 8.41 6.46 54.31
C ASN B 340 9.27 6.11 55.51
N GLN B 341 10.43 6.77 55.66
CA GLN B 341 11.31 6.58 56.82
C GLN B 341 11.91 5.18 56.87
N GLN B 342 12.11 4.55 55.71
CA GLN B 342 12.71 3.22 55.68
C GLN B 342 14.07 3.23 54.99
N GLY C 4 -3.67 -33.83 -8.28
CA GLY C 4 -3.66 -35.17 -8.85
C GLY C 4 -3.72 -36.22 -7.75
N SER C 5 -4.61 -37.21 -7.91
CA SER C 5 -4.75 -38.25 -6.91
C SER C 5 -3.51 -39.12 -6.84
N ILE C 6 -3.22 -39.62 -5.64
CA ILE C 6 -2.00 -40.39 -5.40
C ILE C 6 -2.29 -41.46 -4.36
N ARG C 7 -1.69 -42.63 -4.54
CA ARG C 7 -1.81 -43.68 -3.53
C ARG C 7 -1.03 -43.29 -2.28
N LEU C 8 -1.59 -43.65 -1.11
CA LEU C 8 -0.98 -43.26 0.15
C LEU C 8 0.44 -43.79 0.29
N ALA C 9 0.68 -45.02 -0.16
CA ALA C 9 2.02 -45.58 -0.08
C ALA C 9 3.01 -44.76 -0.91
N ASP C 10 2.58 -44.33 -2.10
CA ASP C 10 3.46 -43.51 -2.94
C ASP C 10 3.71 -42.15 -2.31
N LEU C 11 2.65 -41.50 -1.82
CA LEU C 11 2.82 -40.24 -1.11
C LEU C 11 3.77 -40.41 0.07
N ALA C 12 3.59 -41.48 0.85
CA ALA C 12 4.47 -41.73 1.99
C ALA C 12 5.92 -41.85 1.54
N GLN C 13 6.16 -42.54 0.43
CA GLN C 13 7.53 -42.67 -0.06
C GLN C 13 8.10 -41.32 -0.46
N GLN C 14 7.32 -40.50 -1.17
CA GLN C 14 7.79 -39.18 -1.58
C GLN C 14 8.03 -38.27 -0.39
N LEU C 15 7.37 -38.49 0.73
CA LEU C 15 7.54 -37.67 1.91
C LEU C 15 8.57 -38.24 2.89
N ASP C 16 9.14 -39.41 2.59
CA ASP C 16 10.06 -40.07 3.51
C ASP C 16 9.38 -40.35 4.86
N ALA C 17 8.10 -40.72 4.80
CA ALA C 17 7.29 -40.99 5.97
C ALA C 17 7.11 -42.49 6.16
N GLU C 18 6.84 -42.89 7.41
CA GLU C 18 6.53 -44.27 7.71
C GLU C 18 5.02 -44.47 7.66
N LEU C 19 4.57 -45.35 6.76
CA LEU C 19 3.15 -45.61 6.58
C LEU C 19 2.65 -46.61 7.61
N HIS C 20 1.54 -46.26 8.27
CA HIS C 20 0.82 -47.17 9.17
C HIS C 20 -0.63 -47.18 8.69
N GLY C 21 -1.00 -48.23 7.97
CA GLY C 21 -2.32 -48.33 7.42
C GLY C 21 -2.26 -48.76 5.97
N ASP C 22 -3.38 -48.59 5.27
CA ASP C 22 -3.58 -49.15 3.94
C ASP C 22 -2.92 -48.26 2.90
N GLY C 23 -1.83 -48.74 2.29
CA GLY C 23 -1.13 -48.01 1.26
C GLY C 23 -1.93 -47.78 -0.02
N ASP C 24 -3.03 -48.52 -0.23
CA ASP C 24 -3.83 -48.36 -1.43
C ASP C 24 -4.85 -47.24 -1.33
N ILE C 25 -5.02 -46.64 -0.15
CA ILE C 25 -5.91 -45.49 -0.02
C ILE C 25 -5.52 -44.42 -1.05
N VAL C 26 -6.51 -43.86 -1.72
CA VAL C 26 -6.30 -42.83 -2.72
C VAL C 26 -6.51 -41.47 -2.07
N ILE C 27 -5.46 -40.64 -2.09
CA ILE C 27 -5.49 -39.28 -1.55
C ILE C 27 -5.70 -38.31 -2.71
N THR C 28 -6.64 -37.38 -2.55
CA THR C 28 -6.97 -36.40 -3.57
C THR C 28 -6.57 -34.98 -3.23
N GLY C 29 -6.31 -34.68 -1.97
CA GLY C 29 -5.98 -33.32 -1.60
C GLY C 29 -5.62 -33.22 -0.13
N VAL C 30 -5.23 -32.02 0.26
CA VAL C 30 -4.88 -31.69 1.64
C VAL C 30 -6.03 -30.85 2.20
N ALA C 31 -6.32 -31.04 3.48
CA ALA C 31 -7.35 -30.27 4.14
C ALA C 31 -6.95 -30.03 5.59
N SER C 32 -7.61 -29.05 6.21
CA SER C 32 -7.44 -28.86 7.63
C SER C 32 -8.05 -30.04 8.39
N MET C 33 -7.63 -30.20 9.65
CA MET C 33 -8.17 -31.31 10.43
C MET C 33 -9.68 -31.22 10.55
N GLN C 34 -10.21 -30.01 10.76
CA GLN C 34 -11.65 -29.85 10.94
C GLN C 34 -12.41 -29.97 9.62
N SER C 35 -11.79 -29.66 8.49
CA SER C 35 -12.49 -29.74 7.22
C SER C 35 -12.26 -31.05 6.46
N ALA C 36 -11.28 -31.85 6.86
CA ALA C 36 -10.89 -33.01 6.05
C ALA C 36 -12.03 -34.00 5.94
N GLN C 37 -12.21 -34.53 4.73
CA GLN C 37 -13.18 -35.57 4.42
C GLN C 37 -12.44 -36.76 3.79
N THR C 38 -13.20 -37.80 3.47
CA THR C 38 -12.62 -38.96 2.83
C THR C 38 -11.90 -38.54 1.55
N GLY C 39 -10.70 -39.11 1.34
CA GLY C 39 -9.83 -38.72 0.25
C GLY C 39 -8.80 -37.66 0.61
N HIS C 40 -9.02 -36.94 1.71
CA HIS C 40 -8.09 -35.89 2.15
C HIS C 40 -7.05 -36.44 3.09
N ILE C 41 -5.85 -35.87 3.02
CA ILE C 41 -4.81 -36.07 4.03
C ILE C 41 -4.67 -34.78 4.82
N THR C 42 -4.41 -34.91 6.12
CA THR C 42 -4.21 -33.74 6.97
C THR C 42 -3.01 -34.04 7.88
N PHE C 43 -2.80 -33.16 8.87
CA PHE C 43 -1.63 -33.29 9.73
C PHE C 43 -2.00 -32.83 11.12
N MET C 44 -1.26 -33.34 12.11
CA MET C 44 -1.40 -32.92 13.49
C MET C 44 -0.05 -32.41 13.98
N VAL C 45 0.01 -31.15 14.37
CA VAL C 45 1.20 -30.58 14.99
C VAL C 45 1.05 -30.41 16.50
N ASN C 46 -0.17 -30.42 17.01
CA ASN C 46 -0.43 -30.14 18.42
C ASN C 46 -0.94 -31.39 19.11
N PRO C 47 -0.12 -32.04 19.95
CA PRO C 47 -0.57 -33.28 20.61
C PRO C 47 -1.82 -33.11 21.47
N LYS C 48 -2.25 -31.89 21.75
CA LYS C 48 -3.51 -31.72 22.47
C LYS C 48 -4.69 -32.27 21.68
N TYR C 49 -4.54 -32.44 20.37
CA TYR C 49 -5.62 -32.95 19.54
C TYR C 49 -5.64 -34.46 19.45
N ARG C 50 -4.77 -35.17 20.18
CA ARG C 50 -4.77 -36.63 20.12
C ARG C 50 -6.15 -37.18 20.43
N GLU C 51 -6.78 -36.67 21.49
CA GLU C 51 -8.10 -37.13 21.92
C GLU C 51 -9.20 -36.76 20.93
N HIS C 52 -8.90 -35.89 19.97
CA HIS C 52 -9.82 -35.37 18.97
C HIS C 52 -9.71 -36.05 17.62
N LEU C 53 -8.74 -36.95 17.44
CA LEU C 53 -8.50 -37.50 16.10
C LEU C 53 -9.68 -38.34 15.62
N GLY C 54 -10.47 -38.91 16.53
CA GLY C 54 -11.65 -39.63 16.11
C GLY C 54 -12.71 -38.75 15.49
N LEU C 55 -12.60 -37.43 15.65
CA LEU C 55 -13.52 -36.48 15.05
C LEU C 55 -13.03 -35.97 13.68
N CYS C 56 -11.82 -36.33 13.30
CA CYS C 56 -11.28 -35.95 11.99
C CYS C 56 -11.63 -37.04 10.97
N GLN C 57 -12.22 -36.62 9.84
CA GLN C 57 -12.68 -37.55 8.81
C GLN C 57 -11.68 -37.72 7.67
N ALA C 58 -10.43 -37.29 7.85
CA ALA C 58 -9.40 -37.48 6.84
C ALA C 58 -9.14 -38.97 6.61
N SER C 59 -8.72 -39.30 5.38
CA SER C 59 -8.30 -40.68 5.10
C SER C 59 -6.93 -41.00 5.68
N ALA C 60 -6.13 -39.98 5.98
CA ALA C 60 -4.80 -40.18 6.56
C ALA C 60 -4.41 -38.92 7.30
N VAL C 61 -3.56 -39.09 8.32
CA VAL C 61 -3.08 -37.99 9.15
C VAL C 61 -1.58 -38.13 9.32
N VAL C 62 -0.85 -37.05 9.03
CA VAL C 62 0.58 -36.96 9.31
C VAL C 62 0.79 -36.62 10.77
N MET C 63 1.68 -37.35 11.45
CA MET C 63 1.87 -37.17 12.88
C MET C 63 3.24 -37.72 13.27
N THR C 64 3.60 -37.57 14.55
CA THR C 64 4.87 -38.07 15.04
C THR C 64 4.73 -39.49 15.58
N GLN C 65 5.88 -40.10 15.89
CA GLN C 65 5.86 -41.44 16.47
C GLN C 65 5.18 -41.43 17.83
N ASP C 66 5.36 -40.37 18.60
CA ASP C 66 4.68 -40.24 19.88
C ASP C 66 3.16 -40.21 19.72
N ASP C 67 2.67 -39.68 18.59
CA ASP C 67 1.24 -39.59 18.35
C ASP C 67 0.61 -40.91 17.91
N LEU C 68 1.42 -41.82 17.34
CA LEU C 68 0.87 -42.98 16.67
C LEU C 68 -0.13 -43.79 17.50
N PRO C 69 0.10 -44.03 18.79
CA PRO C 69 -0.89 -44.82 19.54
C PRO C 69 -2.27 -44.19 19.58
N PHE C 70 -2.38 -42.90 19.27
CA PHE C 70 -3.65 -42.17 19.36
C PHE C 70 -4.35 -42.08 18.01
N ALA C 71 -3.78 -42.67 16.97
CA ALA C 71 -4.34 -42.52 15.64
C ALA C 71 -5.67 -43.25 15.54
N LYS C 72 -6.60 -42.64 14.81
CA LYS C 72 -7.85 -43.29 14.43
C LYS C 72 -8.05 -43.24 12.92
N SER C 73 -6.94 -43.46 12.22
CA SER C 73 -6.88 -43.46 10.76
C SER C 73 -5.53 -44.02 10.37
N ALA C 74 -5.37 -44.29 9.08
CA ALA C 74 -4.03 -44.47 8.54
C ALA C 74 -3.18 -43.27 8.95
N ALA C 75 -1.93 -43.54 9.31
CA ALA C 75 -1.03 -42.49 9.77
C ALA C 75 0.25 -42.50 8.94
N LEU C 76 0.78 -41.32 8.68
CA LEU C 76 2.13 -41.15 8.17
C LEU C 76 2.97 -40.59 9.32
N VAL C 77 3.94 -41.37 9.77
CA VAL C 77 4.79 -40.97 10.89
C VAL C 77 6.02 -40.29 10.33
N VAL C 78 6.30 -39.08 10.82
CA VAL C 78 7.44 -38.27 10.37
C VAL C 78 8.07 -37.59 11.57
N LYS C 79 9.28 -37.07 11.37
CA LYS C 79 9.94 -36.30 12.41
C LYS C 79 9.36 -34.90 12.53
N ASN C 80 8.88 -34.32 11.43
CA ASN C 80 8.47 -32.92 11.39
C ASN C 80 7.16 -32.82 10.62
N PRO C 81 6.03 -32.92 11.33
CA PRO C 81 4.73 -32.87 10.62
C PRO C 81 4.50 -31.58 9.87
N TYR C 82 4.94 -30.44 10.41
CA TYR C 82 4.71 -29.17 9.73
C TYR C 82 5.45 -29.10 8.39
N LEU C 83 6.72 -29.49 8.38
CA LEU C 83 7.46 -29.49 7.12
C LEU C 83 6.89 -30.52 6.15
N THR C 84 6.49 -31.68 6.66
CA THR C 84 5.86 -32.68 5.81
C THR C 84 4.56 -32.14 5.21
N TYR C 85 3.81 -31.37 5.99
CA TYR C 85 2.60 -30.74 5.47
C TYR C 85 2.92 -29.83 4.30
N ALA C 86 3.91 -28.95 4.46
CA ALA C 86 4.29 -28.07 3.35
C ALA C 86 4.65 -28.88 2.12
N ARG C 87 5.40 -29.97 2.30
CA ARG C 87 5.83 -30.79 1.16
CA ARG C 87 5.82 -30.78 1.16
C ARG C 87 4.64 -31.49 0.51
N MET C 88 3.74 -32.06 1.32
CA MET C 88 2.61 -32.77 0.72
C MET C 88 1.63 -31.81 0.07
N ALA C 89 1.49 -30.60 0.62
CA ALA C 89 0.64 -29.60 -0.05
C ALA C 89 1.21 -29.19 -1.39
N GLN C 90 2.53 -29.14 -1.53
CA GLN C 90 3.13 -28.88 -2.84
C GLN C 90 2.84 -30.02 -3.81
N ILE C 91 2.95 -31.26 -3.35
CA ILE C 91 2.68 -32.41 -4.21
C ILE C 91 1.23 -32.40 -4.69
N LEU C 92 0.31 -32.03 -3.81
CA LEU C 92 -1.12 -32.05 -4.08
C LEU C 92 -1.69 -30.66 -4.34
N ASP C 93 -0.82 -29.70 -4.68
CA ASP C 93 -1.24 -28.31 -4.87
C ASP C 93 -2.32 -28.19 -5.94
N THR C 94 -3.43 -27.50 -5.61
CA THR C 94 -4.49 -27.22 -6.57
C THR C 94 -4.39 -25.84 -7.18
N THR C 95 -3.38 -25.05 -6.81
CA THR C 95 -3.21 -23.73 -7.37
C THR C 95 -3.01 -23.81 -8.88
N PRO C 96 -3.78 -23.09 -9.69
CA PRO C 96 -3.54 -23.10 -11.14
C PRO C 96 -2.28 -22.34 -11.50
N GLN C 97 -1.86 -22.50 -12.75
CA GLN C 97 -0.78 -21.66 -13.26
C GLN C 97 -1.34 -20.32 -13.72
N PRO C 98 -0.55 -19.25 -13.66
CA PRO C 98 -1.04 -17.94 -14.13
C PRO C 98 -1.42 -17.93 -15.61
N ALA C 99 -0.88 -18.85 -16.39
CA ALA C 99 -1.21 -18.90 -17.82
C ALA C 99 -0.71 -20.22 -18.38
N GLN C 100 -1.23 -20.56 -19.56
CA GLN C 100 -0.77 -21.75 -20.27
C GLN C 100 -0.64 -21.40 -21.75
N ASN C 101 0.53 -21.71 -22.32
CA ASN C 101 0.81 -21.36 -23.72
C ASN C 101 0.89 -19.85 -23.87
N ILE C 102 0.98 -19.36 -25.10
CA ILE C 102 1.12 -17.93 -25.37
C ILE C 102 -0.20 -17.43 -25.95
N ALA C 103 -0.85 -16.51 -25.23
CA ALA C 103 -2.18 -16.05 -25.61
C ALA C 103 -2.11 -15.20 -26.87
N PRO C 104 -3.06 -15.36 -27.79
CA PRO C 104 -3.09 -14.51 -28.99
C PRO C 104 -3.20 -13.03 -28.69
N SER C 105 -3.79 -12.67 -27.55
CA SER C 105 -3.98 -11.28 -27.20
C SER C 105 -2.76 -10.68 -26.51
N ALA C 106 -1.76 -11.49 -26.18
CA ALA C 106 -0.52 -10.96 -25.64
C ALA C 106 0.24 -10.24 -26.74
N VAL C 107 0.95 -9.19 -26.35
CA VAL C 107 1.70 -8.35 -27.28
C VAL C 107 3.16 -8.55 -26.93
N ILE C 108 3.91 -9.18 -27.84
CA ILE C 108 5.28 -9.61 -27.56
C ILE C 108 6.18 -9.05 -28.64
N ASP C 109 7.14 -8.20 -28.24
CA ASP C 109 8.06 -7.60 -29.19
C ASP C 109 8.82 -8.69 -29.94
N ALA C 110 9.10 -8.42 -31.22
CA ALA C 110 9.79 -9.40 -32.06
C ALA C 110 11.18 -9.74 -31.51
N THR C 111 11.82 -8.82 -30.79
CA THR C 111 13.16 -9.04 -30.29
C THR C 111 13.20 -9.74 -28.94
N ALA C 112 12.06 -9.99 -28.32
CA ALA C 112 12.05 -10.74 -27.07
C ALA C 112 12.51 -12.17 -27.33
N LYS C 113 13.25 -12.73 -26.37
CA LYS C 113 13.80 -14.08 -26.47
C LYS C 113 13.05 -14.97 -25.49
N LEU C 114 12.26 -15.91 -26.02
CA LEU C 114 11.49 -16.84 -25.21
C LEU C 114 12.21 -18.18 -25.14
N GLY C 115 12.37 -18.72 -23.93
CA GLY C 115 12.89 -20.05 -23.74
C GLY C 115 11.85 -21.11 -24.05
N ASN C 116 12.16 -22.35 -23.66
CA ASN C 116 11.26 -23.47 -23.90
C ASN C 116 10.13 -23.47 -22.88
N ASN C 117 8.92 -23.77 -23.34
CA ASN C 117 7.78 -23.97 -22.45
C ASN C 117 7.44 -22.71 -21.65
N VAL C 118 7.56 -21.55 -22.29
CA VAL C 118 7.14 -20.29 -21.69
C VAL C 118 5.65 -20.11 -21.94
N SER C 119 4.93 -19.64 -20.93
CA SER C 119 3.52 -19.32 -21.05
C SER C 119 3.32 -17.85 -20.74
N ILE C 120 2.47 -17.19 -21.53
CA ILE C 120 2.19 -15.76 -21.36
C ILE C 120 0.69 -15.54 -21.48
N GLY C 121 0.09 -14.93 -20.47
CA GLY C 121 -1.36 -14.86 -20.37
C GLY C 121 -1.95 -13.74 -21.20
N ALA C 122 -3.28 -13.73 -21.26
CA ALA C 122 -3.98 -12.80 -22.13
C ALA C 122 -3.62 -11.35 -21.79
N ASN C 123 -3.41 -10.57 -22.84
CA ASN C 123 -3.16 -9.12 -22.79
C ASN C 123 -1.90 -8.72 -22.03
N ALA C 124 -1.02 -9.66 -21.71
CA ALA C 124 0.29 -9.28 -21.21
C ALA C 124 1.09 -8.56 -22.30
N VAL C 125 2.04 -7.74 -21.88
CA VAL C 125 2.83 -6.90 -22.78
C VAL C 125 4.30 -7.13 -22.48
N ILE C 126 5.05 -7.56 -23.49
CA ILE C 126 6.47 -7.90 -23.35
C ILE C 126 7.26 -6.99 -24.28
N GLU C 127 8.16 -6.18 -23.72
CA GLU C 127 8.88 -5.17 -24.48
C GLU C 127 10.05 -5.77 -25.28
N SER C 128 10.70 -4.90 -26.05
CA SER C 128 11.89 -5.28 -26.81
C SER C 128 13.00 -5.76 -25.88
N GLY C 129 13.79 -6.72 -26.36
CA GLY C 129 14.97 -7.19 -25.64
C GLY C 129 14.71 -8.02 -24.41
N VAL C 130 13.46 -8.25 -24.03
CA VAL C 130 13.17 -9.07 -22.86
C VAL C 130 13.64 -10.50 -23.08
N GLU C 131 14.18 -11.11 -22.03
CA GLU C 131 14.57 -12.52 -22.06
C GLU C 131 13.78 -13.27 -20.99
N LEU C 132 13.05 -14.29 -21.40
CA LEU C 132 12.28 -15.13 -20.49
C LEU C 132 12.84 -16.54 -20.52
N GLY C 133 13.32 -17.03 -19.37
CA GLY C 133 13.92 -18.34 -19.29
C GLY C 133 12.93 -19.47 -19.48
N ASP C 134 13.47 -20.69 -19.57
CA ASP C 134 12.63 -21.88 -19.69
C ASP C 134 11.60 -21.93 -18.57
N ASN C 135 10.38 -22.35 -18.93
CA ASN C 135 9.29 -22.60 -17.99
C ASN C 135 8.79 -21.35 -17.28
N VAL C 136 9.18 -20.16 -17.75
CA VAL C 136 8.65 -18.93 -17.16
C VAL C 136 7.18 -18.78 -17.51
N ILE C 137 6.39 -18.30 -16.55
CA ILE C 137 4.97 -18.05 -16.76
C ILE C 137 4.69 -16.60 -16.41
N ILE C 138 4.14 -15.85 -17.38
CA ILE C 138 3.73 -14.46 -17.18
C ILE C 138 2.21 -14.42 -17.14
N GLY C 139 1.64 -13.88 -16.07
CA GLY C 139 0.19 -13.84 -15.95
C GLY C 139 -0.44 -12.83 -16.89
N ALA C 140 -1.78 -12.92 -17.01
CA ALA C 140 -2.52 -11.98 -17.84
C ALA C 140 -2.26 -10.55 -17.41
N GLY C 141 -2.21 -9.67 -18.40
CA GLY C 141 -2.13 -8.23 -18.16
C GLY C 141 -0.84 -7.73 -17.55
N CYS C 142 0.19 -8.56 -17.45
CA CYS C 142 1.48 -8.10 -16.96
C CYS C 142 2.13 -7.16 -17.97
N PHE C 143 3.08 -6.37 -17.48
CA PHE C 143 3.99 -5.58 -18.31
C PHE C 143 5.41 -5.97 -17.94
N VAL C 144 6.24 -6.27 -18.93
CA VAL C 144 7.65 -6.52 -18.69
C VAL C 144 8.45 -5.57 -19.57
N GLY C 145 9.24 -4.68 -18.95
CA GLY C 145 9.86 -3.58 -19.66
C GLY C 145 11.13 -3.95 -20.42
N LYS C 146 11.62 -2.98 -21.17
CA LYS C 146 12.70 -3.20 -22.13
C LYS C 146 13.92 -3.85 -21.49
N ASN C 147 14.42 -4.90 -22.14
CA ASN C 147 15.68 -5.57 -21.79
C ASN C 147 15.66 -6.27 -20.44
N SER C 148 14.51 -6.42 -19.80
CA SER C 148 14.49 -7.12 -18.52
C SER C 148 14.60 -8.63 -18.75
N LYS C 149 15.13 -9.32 -17.74
CA LYS C 149 15.41 -10.74 -17.84
C LYS C 149 14.76 -11.46 -16.67
N ILE C 150 14.03 -12.53 -16.97
CA ILE C 150 13.36 -13.33 -15.94
C ILE C 150 13.85 -14.76 -16.07
N GLY C 151 14.42 -15.29 -14.98
CA GLY C 151 15.09 -16.56 -15.02
C GLY C 151 14.15 -17.74 -15.02
N ALA C 152 14.72 -18.91 -15.34
CA ALA C 152 13.93 -20.10 -15.57
C ALA C 152 13.05 -20.43 -14.38
N GLY C 153 11.81 -20.83 -14.68
CA GLY C 153 10.90 -21.29 -13.67
C GLY C 153 10.20 -20.21 -12.86
N SER C 154 10.55 -18.93 -13.07
CA SER C 154 9.90 -17.85 -12.34
C SER C 154 8.50 -17.60 -12.90
N ARG C 155 7.61 -17.15 -12.03
CA ARG C 155 6.22 -16.96 -12.40
C ARG C 155 5.70 -15.66 -11.85
N LEU C 156 4.96 -14.93 -12.68
CA LEU C 156 4.29 -13.70 -12.30
C LEU C 156 2.79 -13.93 -12.40
N TRP C 157 2.07 -13.57 -11.34
CA TRP C 157 0.62 -13.61 -11.42
C TRP C 157 0.11 -12.45 -12.27
N ALA C 158 -1.21 -12.32 -12.37
CA ALA C 158 -1.77 -11.33 -13.27
C ALA C 158 -1.41 -9.92 -12.81
N ASN C 159 -1.29 -9.01 -13.77
CA ASN C 159 -1.22 -7.58 -13.46
C ASN C 159 -0.01 -7.24 -12.59
N VAL C 160 1.13 -7.85 -12.91
CA VAL C 160 2.42 -7.48 -12.34
C VAL C 160 3.13 -6.54 -13.32
N THR C 161 3.81 -5.53 -12.78
CA THR C 161 4.57 -4.58 -13.60
C THR C 161 6.06 -4.73 -13.32
N ILE C 162 6.82 -5.08 -14.34
CA ILE C 162 8.28 -5.10 -14.27
C ILE C 162 8.77 -4.01 -15.21
N TYR C 163 9.54 -3.06 -14.68
CA TYR C 163 10.07 -2.00 -15.54
C TYR C 163 11.24 -2.51 -16.40
N HIS C 164 12.03 -1.59 -16.94
CA HIS C 164 13.14 -1.90 -17.84
C HIS C 164 14.41 -2.25 -17.06
N GLU C 165 15.24 -3.07 -17.69
CA GLU C 165 16.59 -3.42 -17.20
C GLU C 165 16.54 -4.11 -15.84
N ILE C 166 15.47 -4.85 -15.58
CA ILE C 166 15.33 -5.59 -14.33
C ILE C 166 15.84 -7.01 -14.54
N GLN C 167 16.53 -7.54 -13.53
CA GLN C 167 17.01 -8.93 -13.52
C GLN C 167 16.28 -9.69 -12.43
N ILE C 168 15.60 -10.77 -12.80
CA ILE C 168 14.90 -11.62 -11.85
C ILE C 168 15.45 -13.04 -12.00
N GLY C 169 15.75 -13.68 -10.88
CA GLY C 169 16.37 -14.99 -10.87
C GLY C 169 15.45 -16.11 -11.27
N GLN C 170 15.86 -17.32 -10.89
CA GLN C 170 15.13 -18.54 -11.19
C GLN C 170 14.16 -18.89 -10.07
N ASN C 171 13.02 -19.47 -10.46
CA ASN C 171 12.07 -20.05 -9.50
C ASN C 171 11.53 -19.01 -8.51
N CYS C 172 11.41 -17.76 -8.95
CA CYS C 172 10.74 -16.74 -8.14
C CYS C 172 9.24 -16.80 -8.35
N LEU C 173 8.51 -16.10 -7.48
CA LEU C 173 7.07 -15.99 -7.60
C LEU C 173 6.67 -14.60 -7.15
N ILE C 174 5.90 -13.90 -7.98
CA ILE C 174 5.51 -12.52 -7.70
C ILE C 174 3.99 -12.42 -7.83
N GLN C 175 3.35 -11.93 -6.78
CA GLN C 175 1.89 -11.84 -6.74
C GLN C 175 1.41 -10.56 -7.44
N SER C 176 0.11 -10.53 -7.72
CA SER C 176 -0.48 -9.47 -8.53
C SER C 176 -0.32 -8.08 -7.91
N GLY C 177 -0.31 -7.07 -8.79
CA GLY C 177 -0.25 -5.69 -8.37
C GLY C 177 1.12 -5.21 -7.98
N THR C 178 2.11 -6.09 -7.90
CA THR C 178 3.44 -5.66 -7.50
C THR C 178 4.15 -4.94 -8.65
N VAL C 179 4.99 -3.98 -8.27
CA VAL C 179 5.71 -3.15 -9.23
C VAL C 179 7.19 -3.24 -8.90
N VAL C 180 7.99 -3.69 -9.85
CA VAL C 180 9.42 -3.85 -9.67
C VAL C 180 10.14 -2.90 -10.64
N GLY C 181 10.85 -1.92 -10.09
CA GLY C 181 11.72 -1.09 -10.88
C GLY C 181 11.22 0.31 -11.20
N ALA C 182 10.18 0.79 -10.50
CA ALA C 182 9.79 2.18 -10.64
C ALA C 182 10.91 3.09 -10.17
N ASP C 183 10.84 4.36 -10.59
CA ASP C 183 11.82 5.34 -10.16
C ASP C 183 11.91 5.44 -8.65
N GLY C 184 13.13 5.37 -8.14
CA GLY C 184 13.37 5.79 -6.77
C GLY C 184 12.99 7.24 -6.56
N PHE C 185 12.77 7.60 -5.29
CA PHE C 185 12.32 8.93 -4.90
C PHE C 185 13.53 9.86 -4.82
N GLY C 186 14.09 10.16 -5.99
CA GLY C 186 15.29 10.96 -6.12
C GLY C 186 15.05 12.30 -6.78
N TYR C 187 15.32 13.37 -6.02
CA TYR C 187 15.10 14.74 -6.47
C TYR C 187 16.14 15.63 -5.79
N ALA C 188 16.64 16.60 -6.53
CA ALA C 188 17.42 17.68 -5.94
C ALA C 188 16.51 18.89 -5.78
N ASN C 189 16.91 19.78 -4.88
CA ASN C 189 16.12 20.96 -4.57
C ASN C 189 16.82 22.20 -5.10
N ASP C 190 16.09 23.00 -5.86
CA ASP C 190 16.59 24.24 -6.46
C ASP C 190 15.64 25.36 -6.05
N ARG C 191 16.00 26.10 -5.01
CA ARG C 191 15.22 27.27 -4.62
C ARG C 191 13.78 26.89 -4.26
N GLY C 192 13.59 25.68 -3.73
CA GLY C 192 12.28 25.21 -3.35
C GLY C 192 11.59 24.34 -4.38
N ASN C 193 12.07 24.31 -5.61
CA ASN C 193 11.52 23.44 -6.65
C ASN C 193 12.26 22.12 -6.66
N TRP C 194 11.53 21.04 -6.92
CA TRP C 194 12.13 19.72 -6.99
C TRP C 194 12.56 19.44 -8.42
N VAL C 195 13.80 18.98 -8.57
CA VAL C 195 14.41 18.71 -9.86
C VAL C 195 14.64 17.20 -9.94
N LYS C 196 13.99 16.54 -10.90
CA LYS C 196 14.06 15.09 -10.96
C LYS C 196 15.48 14.60 -11.22
N ILE C 197 15.88 13.58 -10.46
CA ILE C 197 17.10 12.82 -10.72
C ILE C 197 16.69 11.54 -11.43
N PRO C 198 16.97 11.39 -12.73
CA PRO C 198 16.73 10.11 -13.40
C PRO C 198 17.35 8.96 -12.62
N GLN C 199 16.61 7.87 -12.52
CA GLN C 199 17.00 6.71 -11.73
C GLN C 199 17.43 5.64 -12.73
N ILE C 200 18.75 5.57 -12.97
CA ILE C 200 19.28 4.74 -14.05
C ILE C 200 19.96 3.48 -13.55
N GLY C 201 19.92 3.22 -12.24
CA GLY C 201 20.23 1.92 -11.71
C GLY C 201 19.09 0.94 -12.01
N ARG C 202 19.23 -0.26 -11.46
CA ARG C 202 18.29 -1.34 -11.73
C ARG C 202 17.76 -1.98 -10.45
N VAL C 203 17.05 -3.09 -10.61
CA VAL C 203 16.74 -4.01 -9.52
C VAL C 203 17.29 -5.37 -9.91
N ILE C 204 18.02 -5.99 -8.99
CA ILE C 204 18.49 -7.36 -9.15
C ILE C 204 17.77 -8.18 -8.10
N ILE C 205 16.96 -9.14 -8.55
CA ILE C 205 16.27 -10.07 -7.65
C ILE C 205 16.90 -11.43 -7.86
N GLY C 206 17.26 -12.10 -6.76
CA GLY C 206 17.96 -13.36 -6.80
C GLY C 206 17.04 -14.53 -7.13
N ASP C 207 17.49 -15.72 -6.75
CA ASP C 207 16.75 -16.95 -7.02
C ASP C 207 15.82 -17.29 -5.86
N ARG C 208 14.69 -17.90 -6.19
CA ARG C 208 13.77 -18.44 -5.18
C ARG C 208 13.23 -17.34 -4.27
N VAL C 209 12.98 -16.17 -4.84
CA VAL C 209 12.40 -15.02 -4.11
C VAL C 209 10.89 -15.03 -4.30
N GLU C 210 10.15 -14.82 -3.22
CA GLU C 210 8.69 -14.70 -3.30
C GLU C 210 8.31 -13.30 -2.85
N ILE C 211 7.56 -12.61 -3.68
CA ILE C 211 7.11 -11.25 -3.40
C ILE C 211 5.59 -11.24 -3.40
N GLY C 212 5.00 -10.64 -2.36
CA GLY C 212 3.55 -10.59 -2.22
C GLY C 212 2.88 -9.59 -3.15
N ALA C 213 1.64 -9.25 -2.85
CA ALA C 213 0.82 -8.41 -3.73
C ALA C 213 0.97 -6.93 -3.37
N CYS C 214 0.94 -6.08 -4.42
CA CYS C 214 1.02 -4.62 -4.28
C CYS C 214 2.24 -4.18 -3.48
N THR C 215 3.33 -4.92 -3.61
CA THR C 215 4.61 -4.48 -3.10
C THR C 215 5.32 -3.68 -4.19
N THR C 216 6.10 -2.69 -3.78
CA THR C 216 6.86 -1.88 -4.73
C THR C 216 8.33 -1.94 -4.37
N ILE C 217 9.16 -2.28 -5.37
CA ILE C 217 10.60 -2.35 -5.22
C ILE C 217 11.20 -1.41 -6.26
N ASP C 218 11.72 -0.27 -5.80
CA ASP C 218 12.19 0.74 -6.73
C ASP C 218 13.59 0.43 -7.25
N ARG C 219 13.87 0.87 -8.48
CA ARG C 219 15.19 0.77 -9.08
C ARG C 219 16.16 1.73 -8.40
N GLY C 220 17.46 1.47 -8.56
CA GLY C 220 18.45 2.32 -7.94
C GLY C 220 18.74 3.59 -8.74
N ALA C 221 19.36 4.57 -8.06
CA ALA C 221 19.65 5.83 -8.71
C ALA C 221 20.77 5.68 -9.74
N LEU C 222 21.86 5.00 -9.35
CA LEU C 222 23.02 4.77 -10.21
C LEU C 222 23.43 3.31 -10.11
N ASP C 223 23.74 2.86 -8.91
CA ASP C 223 23.90 1.44 -8.63
C ASP C 223 22.50 0.86 -8.35
N ASP C 224 22.44 -0.39 -7.88
CA ASP C 224 21.22 -1.19 -7.96
C ASP C 224 20.58 -1.42 -6.60
N THR C 225 19.25 -1.58 -6.63
CA THR C 225 18.49 -2.23 -5.56
C THR C 225 18.66 -3.74 -5.70
N ILE C 226 18.96 -4.43 -4.60
CA ILE C 226 19.32 -5.84 -4.66
C ILE C 226 18.52 -6.64 -3.65
N ILE C 227 17.86 -7.70 -4.11
CA ILE C 227 17.16 -8.65 -3.24
C ILE C 227 17.89 -9.99 -3.34
N GLY C 228 18.36 -10.50 -2.21
CA GLY C 228 19.12 -11.73 -2.18
C GLY C 228 18.28 -12.97 -2.45
N ASN C 229 18.96 -14.11 -2.50
CA ASN C 229 18.28 -15.38 -2.77
C ASN C 229 17.42 -15.78 -1.58
N GLY C 230 16.31 -16.47 -1.87
CA GLY C 230 15.50 -17.09 -0.85
C GLY C 230 14.78 -16.11 0.06
N VAL C 231 14.75 -14.83 -0.32
CA VAL C 231 14.02 -13.82 0.44
C VAL C 231 12.52 -13.98 0.24
N ILE C 232 11.75 -13.77 1.29
CA ILE C 232 10.29 -13.74 1.18
C ILE C 232 9.81 -12.37 1.64
N ILE C 233 8.98 -11.73 0.83
CA ILE C 233 8.44 -10.39 1.08
C ILE C 233 6.92 -10.45 0.93
N ASP C 234 6.22 -9.91 1.92
CA ASP C 234 4.76 -9.99 2.01
C ASP C 234 4.13 -8.85 1.18
N ASN C 235 2.83 -8.63 1.36
CA ASN C 235 2.09 -7.61 0.62
C ASN C 235 2.43 -6.19 1.07
N GLN C 236 2.24 -5.24 0.15
CA GLN C 236 2.21 -3.81 0.47
C GLN C 236 3.50 -3.31 1.11
N CYS C 237 4.63 -3.94 0.81
CA CYS C 237 5.91 -3.43 1.27
C CYS C 237 6.46 -2.40 0.30
N GLN C 238 7.21 -1.43 0.83
CA GLN C 238 7.96 -0.48 0.03
C GLN C 238 9.45 -0.73 0.23
N ILE C 239 10.13 -1.12 -0.83
CA ILE C 239 11.58 -1.29 -0.83
C ILE C 239 12.15 -0.18 -1.71
N ALA C 240 12.75 0.83 -1.07
CA ALA C 240 13.18 2.05 -1.76
C ALA C 240 14.41 1.80 -2.63
N HIS C 241 14.79 2.83 -3.38
CA HIS C 241 15.95 2.69 -4.27
C HIS C 241 17.20 2.40 -3.47
N ASN C 242 18.03 1.49 -4.01
CA ASN C 242 19.34 1.17 -3.47
C ASN C 242 19.27 0.48 -2.12
N VAL C 243 18.11 -0.05 -1.75
CA VAL C 243 18.04 -0.96 -0.62
C VAL C 243 18.68 -2.28 -1.03
N VAL C 244 19.38 -2.92 -0.10
CA VAL C 244 19.94 -4.26 -0.26
C VAL C 244 19.34 -5.14 0.82
N ILE C 245 18.75 -6.27 0.43
CA ILE C 245 18.15 -7.22 1.37
C ILE C 245 18.88 -8.54 1.24
N GLY C 246 19.48 -8.99 2.34
CA GLY C 246 20.30 -10.19 2.31
C GLY C 246 19.52 -11.47 2.16
N ASP C 247 20.19 -12.48 1.60
CA ASP C 247 19.66 -13.84 1.45
C ASP C 247 18.83 -14.28 2.64
N ASN C 248 17.69 -14.90 2.34
CA ASN C 248 16.83 -15.62 3.29
C ASN C 248 16.08 -14.71 4.24
N THR C 249 16.25 -13.40 4.15
CA THR C 249 15.51 -12.52 5.04
C THR C 249 14.01 -12.58 4.71
N ALA C 250 13.20 -12.44 5.74
CA ALA C 250 11.74 -12.37 5.60
C ALA C 250 11.28 -10.97 5.99
N VAL C 251 10.40 -10.40 5.17
CA VAL C 251 9.82 -9.08 5.41
C VAL C 251 8.31 -9.26 5.40
N ALA C 252 7.68 -9.02 6.54
CA ALA C 252 6.24 -9.22 6.68
C ALA C 252 5.48 -8.02 6.12
N GLY C 253 4.16 -8.10 6.13
CA GLY C 253 3.35 -7.17 5.34
C GLY C 253 3.45 -5.72 5.79
N GLY C 254 3.45 -4.82 4.80
CA GLY C 254 3.32 -3.39 5.06
C GLY C 254 4.56 -2.71 5.58
N VAL C 255 5.73 -3.35 5.46
CA VAL C 255 6.97 -2.74 5.91
C VAL C 255 7.40 -1.67 4.92
N ILE C 256 7.83 -0.52 5.43
CA ILE C 256 8.23 0.63 4.62
C ILE C 256 9.71 0.89 4.88
N MET C 257 10.53 0.77 3.83
CA MET C 257 11.97 0.96 3.91
C MET C 257 12.42 2.18 3.13
N ALA C 258 13.30 2.98 3.73
CA ALA C 258 13.84 4.17 3.09
C ALA C 258 15.07 3.84 2.24
N GLY C 259 15.49 4.81 1.44
CA GLY C 259 16.53 4.55 0.45
C GLY C 259 17.87 4.22 1.09
N SER C 260 18.63 3.35 0.40
CA SER C 260 20.00 2.99 0.77
C SER C 260 20.08 2.30 2.14
N LEU C 261 18.98 1.71 2.60
CA LEU C 261 19.06 0.78 3.71
C LEU C 261 19.69 -0.54 3.24
N LYS C 262 20.57 -1.10 4.06
CA LYS C 262 21.09 -2.44 3.84
C LYS C 262 20.64 -3.33 4.99
N ILE C 263 19.87 -4.37 4.69
CA ILE C 263 19.50 -5.39 5.65
C ILE C 263 20.33 -6.64 5.42
N GLY C 264 20.84 -7.21 6.51
CA GLY C 264 21.67 -8.39 6.43
C GLY C 264 20.91 -9.63 6.00
N ARG C 265 21.65 -10.75 5.98
CA ARG C 265 21.07 -12.06 5.75
C ARG C 265 20.35 -12.56 7.00
N TYR C 266 19.38 -13.46 6.77
CA TYR C 266 18.73 -14.20 7.85
C TYR C 266 18.02 -13.26 8.83
N CYS C 267 17.53 -12.13 8.35
CA CYS C 267 16.76 -11.24 9.23
C CYS C 267 15.28 -11.54 9.12
N MET C 268 14.53 -11.04 10.11
CA MET C 268 13.08 -11.18 10.15
C MET C 268 12.50 -9.82 10.54
N ILE C 269 11.79 -9.17 9.62
CA ILE C 269 11.29 -7.81 9.82
C ILE C 269 9.77 -7.90 9.99
N GLY C 270 9.28 -7.58 11.18
CA GLY C 270 7.86 -7.77 11.47
C GLY C 270 6.97 -6.77 10.75
N GLY C 271 5.70 -7.16 10.60
CA GLY C 271 4.78 -6.38 9.78
C GLY C 271 4.65 -4.95 10.27
N ALA C 272 4.45 -4.05 9.30
CA ALA C 272 4.20 -2.63 9.54
C ALA C 272 5.38 -1.91 10.19
N SER C 273 6.58 -2.50 10.15
CA SER C 273 7.75 -1.79 10.64
C SER C 273 8.13 -0.67 9.66
N VAL C 274 8.91 0.29 10.17
CA VAL C 274 9.37 1.45 9.41
C VAL C 274 10.87 1.55 9.64
N ILE C 275 11.65 1.51 8.56
CA ILE C 275 13.11 1.46 8.65
C ILE C 275 13.70 2.63 7.90
N ASN C 276 14.49 3.43 8.60
CA ASN C 276 15.16 4.59 8.08
C ASN C 276 16.26 4.16 7.10
N GLY C 277 16.76 5.13 6.33
CA GLY C 277 17.68 4.85 5.24
C GLY C 277 19.13 5.20 5.55
N HIS C 278 19.97 4.97 4.55
CA HIS C 278 21.39 5.27 4.64
C HIS C 278 22.01 4.69 5.91
N MET C 279 21.72 3.42 6.17
CA MET C 279 22.23 2.76 7.37
C MET C 279 22.09 1.27 7.17
N GLU C 280 22.63 0.52 8.13
CA GLU C 280 22.74 -0.92 7.99
C GLU C 280 22.12 -1.65 9.18
N ILE C 281 21.50 -2.78 8.89
CA ILE C 281 21.03 -3.75 9.88
C ILE C 281 21.84 -5.02 9.64
N CYS C 282 22.52 -5.51 10.67
CA CYS C 282 23.41 -6.65 10.52
C CYS C 282 22.61 -7.95 10.32
N ASP C 283 23.32 -9.05 10.11
CA ASP C 283 22.66 -10.34 9.96
C ASP C 283 21.94 -10.75 11.23
N LYS C 284 20.93 -11.60 11.07
CA LYS C 284 20.29 -12.32 12.18
C LYS C 284 19.62 -11.35 13.16
N VAL C 285 18.96 -10.34 12.62
CA VAL C 285 18.21 -9.39 13.42
C VAL C 285 16.72 -9.66 13.22
N THR C 286 15.97 -9.66 14.31
CA THR C 286 14.52 -9.70 14.27
C THR C 286 13.99 -8.38 14.80
N VAL C 287 13.13 -7.73 14.01
CA VAL C 287 12.42 -6.52 14.44
C VAL C 287 10.97 -6.92 14.60
N THR C 288 10.41 -6.72 15.79
CA THR C 288 9.03 -7.11 15.96
C THR C 288 8.10 -6.09 15.29
N GLY C 289 6.84 -6.49 15.10
CA GLY C 289 5.86 -5.71 14.37
C GLY C 289 5.77 -4.24 14.75
N MET C 290 5.56 -3.40 13.75
CA MET C 290 5.46 -1.95 13.90
C MET C 290 6.73 -1.32 14.47
N GLY C 291 7.88 -1.99 14.33
CA GLY C 291 9.11 -1.44 14.83
C GLY C 291 9.49 -0.15 14.15
N MET C 292 9.88 0.85 14.94
CA MET C 292 10.37 2.14 14.44
C MET C 292 11.90 2.09 14.47
N VAL C 293 12.51 1.76 13.34
CA VAL C 293 13.94 1.52 13.25
C VAL C 293 14.59 2.80 12.72
N MET C 294 15.15 3.60 13.62
CA MET C 294 15.71 4.91 13.31
CA MET C 294 15.71 4.86 13.18
C MET C 294 17.23 4.88 13.12
N ARG C 295 17.91 3.97 13.78
CA ARG C 295 19.37 3.93 13.81
C ARG C 295 19.90 2.57 13.39
N PRO C 296 21.18 2.49 13.01
CA PRO C 296 21.75 1.19 12.61
C PRO C 296 21.62 0.17 13.72
N ILE C 297 21.54 -1.10 13.31
CA ILE C 297 21.50 -2.23 14.24
C ILE C 297 22.75 -3.06 13.97
N THR C 298 23.64 -3.13 14.97
CA THR C 298 24.97 -3.69 14.78
C THR C 298 25.19 -5.01 15.50
N GLU C 299 24.23 -5.44 16.33
CA GLU C 299 24.31 -6.72 17.01
C GLU C 299 23.08 -7.55 16.68
N PRO C 300 23.24 -8.85 16.45
CA PRO C 300 22.08 -9.70 16.19
C PRO C 300 21.20 -9.79 17.42
N GLY C 301 19.95 -10.14 17.19
CA GLY C 301 19.02 -10.33 18.28
C GLY C 301 17.68 -9.70 17.93
N VAL C 302 16.84 -9.56 18.96
CA VAL C 302 15.45 -9.15 18.82
C VAL C 302 15.30 -7.72 19.33
N TYR C 303 14.63 -6.87 18.54
CA TYR C 303 14.45 -5.46 18.83
C TYR C 303 13.00 -5.07 18.64
N SER C 304 12.53 -4.13 19.48
CA SER C 304 11.11 -3.80 19.54
C SER C 304 10.90 -2.33 19.81
N SER C 305 9.72 -1.83 19.45
CA SER C 305 9.28 -0.49 19.83
C SER C 305 7.76 -0.45 19.88
N GLY C 306 7.25 0.65 20.42
CA GLY C 306 5.84 0.94 20.40
C GLY C 306 5.20 0.81 21.77
N ILE C 307 4.24 1.69 22.04
CA ILE C 307 3.40 1.64 23.24
C ILE C 307 2.04 1.11 22.80
N PRO C 308 1.66 -0.10 23.19
CA PRO C 308 0.45 -0.71 22.62
C PRO C 308 -0.84 -0.19 23.24
N LEU C 309 -1.94 -0.75 22.73
CA LEU C 309 -3.28 -0.23 22.95
C LEU C 309 -3.66 -0.19 24.43
N GLN C 310 -4.47 0.79 24.79
CA GLN C 310 -5.14 0.87 26.08
C GLN C 310 -6.55 1.38 25.84
N PRO C 311 -7.45 1.19 26.80
CA PRO C 311 -8.76 1.84 26.72
C PRO C 311 -8.56 3.33 26.53
N ASN C 312 -9.42 3.95 25.71
CA ASN C 312 -9.17 5.33 25.32
C ASN C 312 -9.02 6.25 26.52
N LYS C 313 -9.88 6.09 27.54
CA LYS C 313 -9.77 6.92 28.73
C LYS C 313 -8.37 6.83 29.33
N VAL C 314 -7.81 5.63 29.36
CA VAL C 314 -6.46 5.42 29.92
C VAL C 314 -5.41 6.00 28.98
N TRP C 315 -5.56 5.75 27.67
CA TRP C 315 -4.60 6.26 26.70
C TRP C 315 -4.44 7.77 26.80
N ARG C 316 -5.56 8.50 26.94
CA ARG C 316 -5.48 9.95 27.05
C ARG C 316 -4.50 10.39 28.12
N LYS C 317 -4.53 9.71 29.27
CA LYS C 317 -3.61 10.06 30.35
C LYS C 317 -2.19 9.61 30.03
N THR C 318 -2.02 8.40 29.50
CA THR C 318 -0.69 7.93 29.12
C THR C 318 -0.04 8.91 28.14
N ALA C 319 -0.77 9.31 27.10
CA ALA C 319 -0.19 10.17 26.09
C ALA C 319 0.13 11.55 26.66
N ALA C 320 -0.77 12.11 27.47
CA ALA C 320 -0.51 13.45 28.00
C ALA C 320 0.66 13.43 28.97
N LEU C 321 0.77 12.38 29.78
CA LEU C 321 1.88 12.29 30.72
C LEU C 321 3.21 12.07 30.01
N VAL C 322 3.24 11.21 28.99
CA VAL C 322 4.48 11.02 28.25
C VAL C 322 4.91 12.33 27.60
N MET C 323 3.96 13.04 26.99
CA MET C 323 4.31 14.28 26.31
C MET C 323 4.87 15.32 27.27
N ASN C 324 4.47 15.25 28.54
CA ASN C 324 4.95 16.16 29.57
CA ASN C 324 4.95 16.16 29.57
C ASN C 324 5.96 15.49 30.50
N ILE C 325 6.66 14.48 30.01
CA ILE C 325 7.56 13.72 30.88
C ILE C 325 8.78 14.55 31.30
N ASP C 326 9.15 15.56 30.54
CA ASP C 326 10.24 16.43 30.98
C ASP C 326 9.87 17.15 32.27
N ASP C 327 8.65 17.69 32.34
CA ASP C 327 8.18 18.30 33.58
C ASP C 327 8.17 17.29 34.72
N MET C 328 7.70 16.07 34.46
CA MET C 328 7.71 15.02 35.48
C MET C 328 9.14 14.72 35.94
N SER C 329 10.07 14.67 35.00
CA SER C 329 11.47 14.44 35.38
C SER C 329 12.02 15.60 36.22
N LYS C 330 11.70 16.84 35.85
CA LYS C 330 12.17 17.97 36.64
C LYS C 330 11.60 17.94 38.05
N ARG C 331 10.32 17.59 38.16
CA ARG C 331 9.69 17.53 39.48
C ARG C 331 10.34 16.45 40.33
N LEU C 332 10.68 15.31 39.72
CA LEU C 332 11.35 14.25 40.48
C LEU C 332 12.70 14.72 41.00
N LYS C 333 13.49 15.38 40.13
CA LYS C 333 14.79 15.89 40.57
C LYS C 333 14.63 16.89 41.70
N SER C 334 13.67 17.82 41.59
CA SER C 334 13.47 18.82 42.61
C SER C 334 13.07 18.19 43.93
N LEU C 335 12.17 17.21 43.89
CA LEU C 335 11.78 16.51 45.11
C LEU C 335 12.97 15.75 45.69
N GLU C 336 13.82 15.16 44.83
CA GLU C 336 15.00 14.47 45.32
C GLU C 336 15.94 15.42 46.06
N ARG C 337 16.15 16.62 45.52
CA ARG C 337 17.04 17.57 46.19
C ARG C 337 16.45 18.04 47.51
N LYS C 338 15.14 18.30 47.54
CA LYS C 338 14.50 18.73 48.78
C LYS C 338 14.63 17.68 49.87
N VAL C 339 14.48 16.40 49.51
CA VAL C 339 14.57 15.33 50.50
C VAL C 339 16.01 15.16 50.97
N ASN C 340 16.97 15.31 50.07
CA ASN C 340 18.38 15.16 50.43
C ASN C 340 18.95 16.45 51.02
#